data_5ELS
#
_entry.id   5ELS
#
_cell.length_a   93.730
_cell.length_b   162.220
_cell.length_c   113.040
_cell.angle_alpha   90.000
_cell.angle_beta   90.000
_cell.angle_gamma   90.000
#
_symmetry.space_group_name_H-M   'C 2 2 21'
#
loop_
_entity.id
_entity.type
_entity.pdbx_description
1 polymer 'KH domain-containing, RNA-binding, signal transduction-associated protein 3'
2 polymer "RNA (5'-R(P*AP*AP*AP*UP*AP*A)-3')"
3 non-polymer 'SULFATE ION'
#
loop_
_entity_poly.entity_id
_entity_poly.type
_entity_poly.pdbx_seq_one_letter_code
_entity_poly.pdbx_strand_id
1 'polypeptide(L)'
;GAINKNMKLGQKVLIPVKQFPKFNFVGKLLGPRGNSLKRLQEETLTKMSILGKGSMRDKAKEEELRKSGEAKYFHLNDDL
HVLIEVFAPPAEAYARMGHALEEIKKFLIPDYN
;
A,B,C,D,E,F
2 'polyribonucleotide' AAAUAA H,I
#
# COMPACT_ATOMS: atom_id res chain seq x y z
N GLY A 1 3.05 12.85 -32.12
CA GLY A 1 3.15 11.59 -32.82
C GLY A 1 2.49 11.61 -34.19
N ALA A 2 2.26 10.43 -34.76
CA ALA A 2 1.61 10.28 -36.07
C ALA A 2 0.09 10.43 -35.94
N ILE A 3 -0.52 10.99 -36.98
CA ILE A 3 -1.93 11.43 -36.94
C ILE A 3 -2.92 10.27 -36.85
N ASN A 4 -2.60 9.10 -37.39
CA ASN A 4 -3.49 7.95 -37.28
C ASN A 4 -2.93 6.86 -36.39
N LYS A 5 -1.72 7.00 -35.89
CA LYS A 5 -1.24 6.10 -34.84
C LYS A 5 -2.02 6.39 -33.57
N ASN A 6 -2.17 5.38 -32.71
CA ASN A 6 -2.94 5.63 -31.50
C ASN A 6 -2.05 6.28 -30.44
N MET A 7 -2.66 7.13 -29.61
CA MET A 7 -1.96 7.83 -28.54
C MET A 7 -2.73 7.66 -27.24
N LYS A 8 -2.08 7.97 -26.12
CA LYS A 8 -2.76 8.03 -24.83
C LYS A 8 -3.01 9.48 -24.37
N LEU A 9 -4.22 9.74 -23.90
CA LEU A 9 -4.59 10.99 -23.28
C LEU A 9 -5.03 10.76 -21.83
N GLY A 10 -4.84 11.78 -21.02
CA GLY A 10 -5.25 11.75 -19.64
C GLY A 10 -5.46 13.17 -19.22
N GLN A 11 -6.50 13.40 -18.45
CA GLN A 11 -6.79 14.74 -17.98
C GLN A 11 -7.41 14.57 -16.60
N LYS A 12 -6.72 15.06 -15.58
CA LYS A 12 -7.33 15.09 -14.26
C LYS A 12 -8.47 16.08 -14.25
N VAL A 13 -9.56 15.72 -13.56
CA VAL A 13 -10.71 16.61 -13.41
C VAL A 13 -11.00 16.73 -11.92
N LEU A 14 -10.80 17.93 -11.38
CA LEU A 14 -10.89 18.14 -9.93
C LEU A 14 -12.31 18.06 -9.42
N ILE A 15 -12.45 17.49 -8.23
CA ILE A 15 -13.74 17.41 -7.54
C ILE A 15 -13.77 18.48 -6.45
N PRO A 16 -14.94 19.45 -6.41
CA PRO A 16 -15.06 20.62 -5.49
C PRO A 16 -15.45 20.24 -4.07
N VAL A 17 -14.47 19.74 -3.30
CA VAL A 17 -14.75 19.36 -1.92
C VAL A 17 -14.79 20.57 -1.01
N LYS A 18 -13.96 21.58 -1.25
CA LYS A 18 -14.04 22.77 -0.44
C LYS A 18 -15.39 23.44 -0.60
N GLN A 19 -15.95 23.37 -1.79
CA GLN A 19 -17.16 24.14 -2.09
C GLN A 19 -18.44 23.47 -1.58
N PHE A 20 -18.48 22.13 -1.51
CA PHE A 20 -19.60 21.36 -0.93
C PHE A 20 -19.02 20.45 0.17
N PRO A 21 -18.78 20.98 1.36
CA PRO A 21 -18.17 20.15 2.42
C PRO A 21 -18.96 18.89 2.72
N LYS A 22 -18.23 17.79 2.94
CA LYS A 22 -18.70 16.49 3.43
C LYS A 22 -19.68 15.79 2.49
N PHE A 23 -19.97 16.40 1.34
CA PHE A 23 -20.81 15.72 0.37
C PHE A 23 -20.04 14.58 -0.26
N ASN A 24 -20.66 13.41 -0.31
CA ASN A 24 -19.98 12.28 -0.93
C ASN A 24 -20.13 12.31 -2.45
N PHE A 25 -19.07 12.75 -3.14
CA PHE A 25 -19.07 12.73 -4.60
C PHE A 25 -18.73 11.35 -5.13
N VAL A 26 -17.93 10.58 -4.41
CA VAL A 26 -17.52 9.26 -4.92
C VAL A 26 -18.74 8.38 -5.14
N GLY A 27 -19.67 8.37 -4.19
CA GLY A 27 -20.89 7.60 -4.33
C GLY A 27 -21.73 8.09 -5.49
N LYS A 28 -21.83 9.40 -5.63
CA LYS A 28 -22.61 9.96 -6.72
C LYS A 28 -22.09 9.50 -8.07
N LEU A 29 -20.76 9.59 -8.26
CA LEU A 29 -20.10 9.22 -9.52
C LEU A 29 -20.25 7.74 -9.84
N LEU A 30 -20.07 6.88 -8.84
CA LEU A 30 -20.16 5.46 -9.14
C LEU A 30 -21.59 4.96 -9.11
N GLY A 31 -22.45 5.63 -8.36
CA GLY A 31 -23.82 5.27 -8.26
C GLY A 31 -23.96 3.89 -7.65
N PRO A 32 -25.02 3.19 -8.00
CA PRO A 32 -25.14 1.80 -7.60
C PRO A 32 -24.13 0.99 -8.34
N ARG A 33 -23.64 -0.09 -7.68
CA ARG A 33 -22.86 -1.14 -8.30
C ARG A 33 -21.75 -0.59 -9.21
N GLY A 34 -21.39 0.67 -9.05
CA GLY A 34 -20.44 1.33 -9.92
C GLY A 34 -20.92 1.56 -11.34
N ASN A 35 -22.24 1.51 -11.60
CA ASN A 35 -22.70 1.56 -12.98
C ASN A 35 -23.16 2.93 -13.45
N SER A 36 -23.17 3.95 -12.62
CA SER A 36 -23.38 5.23 -13.27
C SER A 36 -22.06 5.83 -13.72
N LEU A 37 -20.94 5.39 -13.14
CA LEU A 37 -19.66 5.74 -13.73
C LEU A 37 -19.38 4.89 -14.93
N LYS A 38 -19.72 3.61 -14.86
CA LYS A 38 -19.41 2.69 -15.96
C LYS A 38 -20.19 3.04 -17.22
N ARG A 39 -21.48 3.38 -17.08
CA ARG A 39 -22.25 3.82 -18.24
C ARG A 39 -21.71 5.12 -18.81
N LEU A 40 -21.10 5.94 -17.96
CA LEU A 40 -20.60 7.21 -18.46
C LEU A 40 -19.33 7.04 -19.27
N GLN A 41 -18.65 5.89 -19.17
CA GLN A 41 -17.54 5.70 -20.06
C GLN A 41 -18.02 5.17 -21.40
N GLU A 42 -18.95 4.21 -21.37
CA GLU A 42 -19.51 3.65 -22.59
C GLU A 42 -20.11 4.74 -23.49
N GLU A 43 -20.86 5.68 -22.90
CA GLU A 43 -21.44 6.76 -23.70
C GLU A 43 -20.37 7.64 -24.34
N THR A 44 -19.24 7.82 -23.68
CA THR A 44 -18.24 8.74 -24.17
C THR A 44 -17.02 8.03 -24.76
N LEU A 45 -16.93 6.71 -24.65
CA LEU A 45 -15.78 5.93 -25.15
C LEU A 45 -14.45 6.32 -24.47
N THR A 46 -14.51 6.58 -23.16
CA THR A 46 -13.34 6.83 -22.31
C THR A 46 -13.22 5.75 -21.22
N LYS A 47 -12.21 5.93 -20.36
CA LYS A 47 -12.05 5.19 -19.11
C LYS A 47 -11.76 6.16 -17.97
N MET A 48 -12.37 5.90 -16.81
CA MET A 48 -12.38 6.84 -15.69
C MET A 48 -12.09 6.16 -14.36
N SER A 49 -11.27 6.80 -13.54
CA SER A 49 -10.96 6.30 -12.20
C SER A 49 -10.92 7.47 -11.25
N ILE A 50 -11.38 7.25 -10.03
CA ILE A 50 -11.44 8.28 -9.01
C ILE A 50 -10.22 8.14 -8.11
N LEU A 51 -9.36 9.18 -8.09
CA LEU A 51 -8.12 9.15 -7.33
C LEU A 51 -8.06 10.35 -6.40
N GLY A 52 -7.01 10.34 -5.55
CA GLY A 52 -6.73 11.43 -4.64
C GLY A 52 -7.24 11.15 -3.23
N LYS A 53 -6.93 12.11 -2.35
CA LYS A 53 -7.29 11.99 -0.95
C LYS A 53 -8.80 12.08 -0.81
N GLY A 54 -9.40 11.03 -0.21
CA GLY A 54 -10.83 10.88 -0.13
C GLY A 54 -11.43 10.01 -1.20
N SER A 55 -10.63 9.40 -2.09
CA SER A 55 -11.18 8.49 -3.10
C SER A 55 -11.61 7.16 -2.50
N MET A 56 -11.14 6.86 -1.31
CA MET A 56 -11.45 5.61 -0.64
C MET A 56 -12.35 5.92 0.54
N ARG A 57 -13.16 4.95 0.92
CA ARG A 57 -14.14 5.17 1.98
C ARG A 57 -13.56 4.96 3.37
N ASP A 58 -12.40 4.32 3.49
CA ASP A 58 -11.73 4.16 4.76
C ASP A 58 -10.47 5.04 4.81
N LYS A 59 -10.54 6.16 5.54
CA LYS A 59 -9.47 7.16 5.60
C LYS A 59 -8.17 6.60 6.19
N ALA A 60 -8.25 5.60 7.08
CA ALA A 60 -7.05 4.98 7.62
C ALA A 60 -6.45 3.94 6.67
N LYS A 61 -7.30 3.17 5.98
CA LYS A 61 -6.77 2.33 4.92
C LYS A 61 -6.04 3.19 3.91
N GLU A 62 -6.65 4.31 3.51
CA GLU A 62 -6.07 5.10 2.44
C GLU A 62 -4.76 5.74 2.90
N GLU A 63 -4.61 6.01 4.19
CA GLU A 63 -3.37 6.58 4.69
C GLU A 63 -2.29 5.54 4.90
N GLU A 64 -2.65 4.31 5.21
CA GLU A 64 -1.67 3.24 5.09
C GLU A 64 -1.13 3.19 3.66
N LEU A 65 -2.04 3.01 2.71
CA LEU A 65 -1.62 2.88 1.31
C LEU A 65 -0.81 4.09 0.88
N ARG A 66 -1.17 5.26 1.39
CA ARG A 66 -0.43 6.45 1.03
C ARG A 66 0.99 6.39 1.57
N LYS A 67 1.14 5.99 2.84
CA LYS A 67 2.47 5.84 3.43
C LYS A 67 3.26 4.75 2.72
N SER A 68 2.61 3.62 2.43
CA SER A 68 3.26 2.40 1.90
C SER A 68 4.36 2.75 0.91
N GLY A 69 4.15 3.76 0.08
CA GLY A 69 5.18 4.24 -0.82
C GLY A 69 5.09 3.76 -2.25
N GLU A 70 4.17 2.87 -2.58
CA GLU A 70 4.14 2.30 -3.91
C GLU A 70 3.60 3.31 -4.89
N ALA A 71 4.06 3.20 -6.15
CA ALA A 71 3.68 4.19 -7.14
C ALA A 71 2.19 4.14 -7.44
N LYS A 72 1.60 2.95 -7.36
CA LYS A 72 0.18 2.84 -7.62
C LYS A 72 -0.66 3.65 -6.63
N TYR A 73 -0.11 4.07 -5.49
CA TYR A 73 -0.87 4.88 -4.55
C TYR A 73 -0.33 6.30 -4.46
N PHE A 74 0.52 6.69 -5.41
CA PHE A 74 0.99 8.07 -5.45
C PHE A 74 -0.17 9.04 -5.53
N HIS A 75 -1.27 8.65 -6.17
CA HIS A 75 -2.39 9.56 -6.32
C HIS A 75 -3.02 9.93 -5.00
N LEU A 76 -2.76 9.19 -3.93
CA LEU A 76 -3.48 9.46 -2.70
C LEU A 76 -2.93 10.65 -1.96
N ASN A 77 -1.89 11.29 -2.50
CA ASN A 77 -1.47 12.59 -2.06
C ASN A 77 -2.11 13.73 -2.87
N ASP A 78 -2.54 13.48 -4.10
CA ASP A 78 -3.11 14.56 -4.89
C ASP A 78 -4.54 14.82 -4.44
N ASP A 79 -5.05 15.98 -4.84
CA ASP A 79 -6.42 16.37 -4.54
C ASP A 79 -7.40 15.39 -5.19
N LEU A 80 -8.59 15.27 -4.60
CA LEU A 80 -9.57 14.32 -5.09
C LEU A 80 -10.08 14.72 -6.45
N HIS A 81 -10.15 13.74 -7.34
CA HIS A 81 -10.36 14.03 -8.76
C HIS A 81 -10.72 12.74 -9.48
N VAL A 82 -11.30 12.91 -10.67
CA VAL A 82 -11.51 11.81 -11.60
C VAL A 82 -10.48 11.94 -12.71
N LEU A 83 -9.72 10.87 -12.98
CA LEU A 83 -8.74 10.89 -14.06
C LEU A 83 -9.34 10.19 -15.27
N ILE A 84 -9.61 10.97 -16.31
CA ILE A 84 -10.18 10.46 -17.55
C ILE A 84 -9.03 10.08 -18.46
N GLU A 85 -9.13 8.90 -19.07
CA GLU A 85 -8.07 8.38 -19.93
C GLU A 85 -8.66 7.82 -21.21
N VAL A 86 -7.89 7.92 -22.30
CA VAL A 86 -8.35 7.50 -23.62
C VAL A 86 -7.15 6.98 -24.41
N PHE A 87 -7.37 5.95 -25.20
CA PHE A 87 -6.37 5.42 -26.13
C PHE A 87 -7.02 5.30 -27.50
N ALA A 88 -6.62 6.17 -28.42
CA ALA A 88 -7.23 6.24 -29.74
C ALA A 88 -6.34 7.13 -30.60
N PRO A 89 -6.58 7.22 -31.92
CA PRO A 89 -5.87 8.21 -32.72
C PRO A 89 -6.18 9.61 -32.21
N PRO A 90 -5.29 10.56 -32.42
CA PRO A 90 -5.48 11.88 -31.82
C PRO A 90 -6.85 12.49 -32.09
N ALA A 91 -7.33 12.46 -33.32
CA ALA A 91 -8.59 13.13 -33.63
C ALA A 91 -9.73 12.63 -32.75
N GLU A 92 -9.86 11.32 -32.62
CA GLU A 92 -10.93 10.73 -31.81
C GLU A 92 -10.70 11.00 -30.34
N ALA A 93 -9.48 10.83 -29.87
CA ALA A 93 -9.19 10.95 -28.45
C ALA A 93 -9.62 12.31 -27.91
N TYR A 94 -9.18 13.41 -28.55
CA TYR A 94 -9.49 14.73 -28.03
C TYR A 94 -10.96 15.00 -28.12
N ALA A 95 -11.62 14.45 -29.13
CA ALA A 95 -13.04 14.65 -29.25
C ALA A 95 -13.78 13.91 -28.14
N ARG A 96 -13.25 12.78 -27.68
CA ARG A 96 -13.93 12.00 -26.65
C ARG A 96 -13.71 12.58 -25.26
N MET A 97 -12.47 12.98 -24.97
CA MET A 97 -12.17 13.69 -23.74
C MET A 97 -13.09 14.89 -23.56
N GLY A 98 -13.18 15.73 -24.59
CA GLY A 98 -14.09 16.85 -24.53
C GLY A 98 -15.52 16.41 -24.30
N HIS A 99 -15.97 15.39 -25.04
CA HIS A 99 -17.30 14.86 -24.78
C HIS A 99 -17.43 14.48 -23.33
N ALA A 100 -16.43 13.77 -22.80
CA ALA A 100 -16.47 13.29 -21.43
C ALA A 100 -16.47 14.45 -20.45
N LEU A 101 -15.75 15.53 -20.80
CA LEU A 101 -15.64 16.66 -19.88
C LEU A 101 -16.92 17.49 -19.80
N GLU A 102 -17.70 17.56 -20.87
CA GLU A 102 -19.03 18.14 -20.68
C GLU A 102 -19.95 17.17 -19.94
N GLU A 103 -19.95 15.90 -20.36
CA GLU A 103 -20.79 14.91 -19.70
C GLU A 103 -20.39 14.60 -18.27
N ILE A 104 -19.26 15.09 -17.75
CA ILE A 104 -18.98 14.78 -16.36
C ILE A 104 -19.47 15.87 -15.41
N LYS A 105 -19.78 17.07 -15.93
CA LYS A 105 -20.12 18.19 -15.05
C LYS A 105 -21.35 17.92 -14.19
N LYS A 106 -22.27 17.05 -14.61
CA LYS A 106 -23.48 16.81 -13.82
C LYS A 106 -23.16 16.22 -12.47
N PHE A 107 -22.06 15.47 -12.40
CA PHE A 107 -21.72 14.72 -11.20
C PHE A 107 -20.85 15.51 -10.26
N LEU A 108 -20.50 16.73 -10.62
CA LEU A 108 -19.75 17.59 -9.73
C LEU A 108 -20.65 18.63 -9.10
N ILE A 109 -21.89 18.26 -8.88
CA ILE A 109 -22.84 19.07 -8.13
C ILE A 109 -23.42 18.09 -7.12
N PRO A 110 -23.60 18.48 -5.85
CA PRO A 110 -24.18 17.55 -4.88
C PRO A 110 -25.66 17.26 -5.16
N ASP A 111 -26.12 16.15 -4.63
CA ASP A 111 -27.56 15.97 -4.48
C ASP A 111 -28.00 16.53 -3.14
N TYR A 112 -29.20 17.08 -3.10
CA TYR A 112 -29.69 17.73 -1.90
C TYR A 112 -30.68 16.86 -1.14
N ASN A 113 -30.63 15.56 -1.39
CA ASN A 113 -31.20 14.52 -0.53
C ASN A 113 -31.36 14.89 0.93
N GLY B 1 0.61 -17.01 43.91
CA GLY B 1 1.50 -15.99 44.44
C GLY B 1 0.90 -15.26 45.62
N ALA B 2 1.57 -14.16 45.99
CA ALA B 2 1.23 -13.41 47.19
C ALA B 2 -0.01 -12.53 46.99
N ILE B 3 -0.78 -12.42 48.08
CA ILE B 3 -2.13 -11.84 48.04
C ILE B 3 -2.12 -10.35 47.72
N ASN B 4 -1.17 -9.59 48.27
CA ASN B 4 -1.08 -8.16 48.06
C ASN B 4 0.19 -7.73 47.33
N LYS B 5 1.10 -8.64 47.06
CA LYS B 5 2.21 -8.31 46.17
C LYS B 5 1.70 -8.29 44.74
N ASN B 6 2.02 -7.23 44.01
CA ASN B 6 1.43 -7.04 42.68
C ASN B 6 1.83 -8.14 41.72
N MET B 7 0.91 -8.44 40.82
CA MET B 7 1.04 -9.52 39.85
C MET B 7 0.86 -8.91 38.47
N LYS B 8 1.41 -9.57 37.47
CA LYS B 8 1.19 -9.17 36.08
C LYS B 8 0.25 -10.14 35.38
N LEU B 9 -0.74 -9.60 34.68
CA LEU B 9 -1.70 -10.40 33.95
C LEU B 9 -1.67 -10.11 32.46
N GLY B 10 -2.03 -11.13 31.67
CA GLY B 10 -2.09 -10.97 30.24
C GLY B 10 -3.04 -11.98 29.65
N GLN B 11 -3.87 -11.53 28.71
CA GLN B 11 -4.86 -12.36 28.04
C GLN B 11 -5.02 -11.90 26.61
N LYS B 12 -4.85 -12.81 25.66
CA LYS B 12 -4.97 -12.47 24.25
C LYS B 12 -6.42 -12.47 23.81
N VAL B 13 -6.86 -11.37 23.22
CA VAL B 13 -8.25 -11.27 22.77
C VAL B 13 -8.25 -11.41 21.25
N LEU B 14 -8.90 -12.49 20.78
CA LEU B 14 -8.82 -12.87 19.38
C LEU B 14 -9.54 -11.85 18.52
N ILE B 15 -8.95 -11.49 17.39
CA ILE B 15 -9.62 -10.59 16.43
C ILE B 15 -10.21 -11.44 15.31
N PRO B 16 -11.65 -11.35 15.02
CA PRO B 16 -12.32 -12.28 14.09
C PRO B 16 -12.07 -11.92 12.62
N VAL B 17 -10.88 -12.21 12.14
CA VAL B 17 -10.54 -11.83 10.77
C VAL B 17 -11.22 -12.75 9.78
N LYS B 18 -11.32 -14.04 10.13
CA LYS B 18 -11.98 -15.03 9.27
C LYS B 18 -13.49 -14.89 9.30
N GLN B 19 -14.02 -14.15 10.29
CA GLN B 19 -15.44 -13.89 10.45
C GLN B 19 -15.87 -12.60 9.79
N PHE B 20 -14.97 -11.65 9.58
CA PHE B 20 -15.27 -10.41 8.90
C PHE B 20 -14.09 -9.99 8.03
N PRO B 21 -13.94 -10.61 6.86
CA PRO B 21 -12.75 -10.33 6.05
C PRO B 21 -12.72 -8.91 5.49
N LYS B 22 -11.49 -8.42 5.27
CA LYS B 22 -11.13 -7.14 4.67
C LYS B 22 -11.57 -5.92 5.46
N PHE B 23 -12.15 -6.15 6.64
CA PHE B 23 -12.57 -5.05 7.48
C PHE B 23 -11.37 -4.55 8.25
N ASN B 24 -11.13 -3.25 8.21
CA ASN B 24 -10.01 -2.75 8.98
C ASN B 24 -10.43 -2.64 10.44
N PHE B 25 -10.02 -3.63 11.26
CA PHE B 25 -10.28 -3.58 12.70
C PHE B 25 -9.26 -2.71 13.42
N VAL B 26 -8.01 -2.72 12.95
CA VAL B 26 -6.99 -1.91 13.62
C VAL B 26 -7.40 -0.46 13.63
N GLY B 27 -7.87 0.06 12.50
CA GLY B 27 -8.34 1.43 12.50
C GLY B 27 -9.45 1.60 13.51
N LYS B 28 -10.35 0.62 13.59
CA LYS B 28 -11.52 0.79 14.42
C LYS B 28 -11.15 0.84 15.90
N LEU B 29 -10.21 -0.01 16.32
CA LEU B 29 -9.71 0.08 17.68
C LEU B 29 -9.00 1.40 17.94
N LEU B 30 -8.30 1.94 16.95
CA LEU B 30 -7.72 3.25 17.20
C LEU B 30 -8.73 4.35 16.92
N GLY B 31 -9.81 3.99 16.23
CA GLY B 31 -10.80 4.94 15.78
C GLY B 31 -10.14 5.86 14.77
N PRO B 32 -10.57 7.12 14.69
CA PRO B 32 -9.69 8.17 14.18
C PRO B 32 -8.67 8.49 15.27
N ARG B 33 -7.68 9.32 14.95
CA ARG B 33 -6.73 9.78 15.96
C ARG B 33 -5.94 8.73 16.71
N GLY B 34 -6.38 7.48 16.68
CA GLY B 34 -5.70 6.51 17.51
C GLY B 34 -5.82 6.78 18.98
N ASN B 35 -6.76 7.60 19.41
CA ASN B 35 -6.86 7.85 20.84
C ASN B 35 -7.97 7.08 21.49
N SER B 36 -8.72 6.25 20.78
CA SER B 36 -9.69 5.47 21.56
C SER B 36 -9.07 4.25 22.18
N LEU B 37 -7.91 3.81 21.70
CA LEU B 37 -7.26 2.71 22.39
C LEU B 37 -6.55 3.23 23.62
N LYS B 38 -5.75 4.29 23.45
CA LYS B 38 -5.15 4.88 24.64
C LYS B 38 -6.20 5.50 25.53
N ARG B 39 -7.37 5.85 25.00
CA ARG B 39 -8.50 6.20 25.87
C ARG B 39 -8.96 4.99 26.66
N LEU B 40 -9.13 3.84 25.99
CA LEU B 40 -9.68 2.68 26.68
C LEU B 40 -8.63 2.02 27.56
N GLN B 41 -7.32 2.31 27.36
CA GLN B 41 -6.33 1.79 28.29
C GLN B 41 -6.33 2.63 29.54
N GLU B 42 -6.68 3.90 29.42
CA GLU B 42 -6.79 4.77 30.59
C GLU B 42 -8.00 4.40 31.42
N GLU B 43 -9.13 4.15 30.78
CA GLU B 43 -10.39 3.99 31.51
C GLU B 43 -10.43 2.67 32.27
N THR B 44 -10.07 1.58 31.60
CA THR B 44 -10.07 0.26 32.21
C THR B 44 -8.86 0.02 33.10
N LEU B 45 -7.91 0.97 33.13
CA LEU B 45 -6.69 0.87 33.92
C LEU B 45 -5.83 -0.33 33.51
N THR B 46 -5.85 -0.68 32.23
CA THR B 46 -4.98 -1.71 31.69
C THR B 46 -4.03 -1.07 30.70
N LYS B 47 -3.18 -1.87 30.09
CA LYS B 47 -2.40 -1.41 28.96
C LYS B 47 -2.55 -2.41 27.85
N MET B 48 -2.85 -1.94 26.65
CA MET B 48 -3.15 -2.82 25.55
C MET B 48 -2.21 -2.55 24.40
N SER B 49 -2.17 -3.51 23.48
CA SER B 49 -1.30 -3.44 22.32
C SER B 49 -1.85 -4.37 21.27
N ILE B 50 -1.70 -3.98 20.02
CA ILE B 50 -2.18 -4.74 18.88
C ILE B 50 -1.02 -5.54 18.32
N LEU B 51 -1.16 -6.87 18.40
CA LEU B 51 -0.16 -7.80 17.93
C LEU B 51 -0.81 -8.74 16.95
N GLY B 52 0.02 -9.61 16.38
CA GLY B 52 -0.44 -10.64 15.49
C GLY B 52 -0.32 -10.23 14.03
N LYS B 53 -0.55 -11.20 13.17
CA LYS B 53 -0.52 -11.04 11.73
C LYS B 53 -1.40 -9.88 11.28
N GLY B 54 -0.78 -8.82 10.78
CA GLY B 54 -1.52 -7.64 10.37
C GLY B 54 -1.55 -6.49 11.36
N SER B 55 -0.84 -6.60 12.49
CA SER B 55 -0.84 -5.48 13.44
C SER B 55 -0.07 -4.30 12.93
N MET B 56 0.78 -4.51 11.92
CA MET B 56 1.61 -3.45 11.40
C MET B 56 1.11 -3.00 10.05
N ARG B 57 0.05 -3.65 9.55
CA ARG B 57 -0.76 -3.11 8.46
C ARG B 57 0.12 -2.61 7.31
N ASP B 58 1.23 -3.30 7.10
CA ASP B 58 1.93 -3.29 5.82
C ASP B 58 2.61 -4.64 5.75
N LYS B 59 2.03 -5.55 4.97
CA LYS B 59 2.41 -6.96 5.04
C LYS B 59 3.86 -7.18 4.65
N ALA B 60 4.40 -6.31 3.80
CA ALA B 60 5.80 -6.39 3.42
C ALA B 60 6.67 -6.21 4.66
N LYS B 61 6.64 -4.98 5.20
CA LYS B 61 7.44 -4.66 6.38
C LYS B 61 7.28 -5.72 7.44
N GLU B 62 6.07 -6.25 7.58
CA GLU B 62 5.75 -7.08 8.72
C GLU B 62 6.17 -8.52 8.53
N GLU B 63 6.23 -9.04 7.28
CA GLU B 63 6.56 -10.45 7.10
C GLU B 63 8.05 -10.68 7.26
N GLU B 64 8.88 -9.75 6.83
CA GLU B 64 10.28 -10.10 6.96
C GLU B 64 10.82 -9.77 8.35
N LEU B 65 10.31 -8.73 9.02
CA LEU B 65 10.57 -8.63 10.45
C LEU B 65 9.94 -9.78 11.17
N ARG B 66 8.86 -10.30 10.62
CA ARG B 66 8.27 -11.50 11.20
C ARG B 66 9.24 -12.67 11.13
N LYS B 67 10.06 -12.75 10.06
CA LYS B 67 11.04 -13.83 9.96
C LYS B 67 12.28 -13.51 10.77
N SER B 68 12.79 -12.25 10.67
CA SER B 68 13.99 -11.75 11.35
C SER B 68 14.42 -12.62 12.53
N GLY B 69 13.44 -13.13 13.28
CA GLY B 69 13.64 -14.03 14.39
C GLY B 69 13.47 -13.44 15.77
N GLU B 70 13.51 -12.12 15.92
CA GLU B 70 13.56 -11.52 17.24
C GLU B 70 12.29 -11.85 18.03
N ALA B 71 12.47 -12.09 19.34
CA ALA B 71 11.33 -12.37 20.22
C ALA B 71 10.32 -11.25 20.18
N LYS B 72 10.77 -10.04 19.86
CA LYS B 72 9.90 -8.87 19.77
C LYS B 72 8.77 -9.06 18.76
N TYR B 73 8.97 -9.96 17.79
CA TYR B 73 7.98 -10.19 16.74
C TYR B 73 7.45 -11.61 16.73
N PHE B 74 7.64 -12.37 17.81
CA PHE B 74 7.03 -13.70 17.84
C PHE B 74 5.54 -13.61 17.60
N HIS B 75 4.93 -12.52 18.03
CA HIS B 75 3.49 -12.41 17.94
C HIS B 75 3.00 -12.37 16.51
N LEU B 76 3.86 -12.07 15.55
CA LEU B 76 3.33 -11.90 14.21
C LEU B 76 3.12 -13.22 13.50
N ASN B 77 3.43 -14.34 14.12
CA ASN B 77 2.90 -15.61 13.62
C ASN B 77 1.55 -15.93 14.21
N ASP B 78 1.21 -15.30 15.31
CA ASP B 78 -0.04 -15.57 15.97
C ASP B 78 -1.15 -14.84 15.21
N ASP B 79 -2.39 -15.30 15.38
CA ASP B 79 -3.50 -14.62 14.74
C ASP B 79 -3.65 -13.21 15.30
N LEU B 80 -4.33 -12.36 14.54
CA LEU B 80 -4.45 -10.98 14.94
C LEU B 80 -5.21 -10.91 16.25
N HIS B 81 -4.71 -10.12 17.19
CA HIS B 81 -5.27 -10.18 18.54
C HIS B 81 -4.86 -8.94 19.34
N VAL B 82 -5.64 -8.69 20.40
CA VAL B 82 -5.37 -7.64 21.38
C VAL B 82 -4.81 -8.28 22.64
N LEU B 83 -3.70 -7.75 23.14
CA LEU B 83 -3.11 -8.27 24.38
C LEU B 83 -3.42 -7.29 25.51
N ILE B 84 -4.26 -7.74 26.45
CA ILE B 84 -4.60 -6.94 27.61
C ILE B 84 -3.65 -7.29 28.75
N GLU B 85 -3.09 -6.26 29.37
CA GLU B 85 -2.12 -6.48 30.41
C GLU B 85 -2.37 -5.52 31.55
N VAL B 86 -2.07 -6.00 32.75
CA VAL B 86 -2.27 -5.20 33.94
C VAL B 86 -1.20 -5.63 34.94
N PHE B 87 -0.75 -4.67 35.74
CA PHE B 87 0.18 -4.94 36.82
C PHE B 87 -0.42 -4.37 38.09
N ALA B 88 -0.85 -5.26 38.97
CA ALA B 88 -1.60 -4.82 40.13
C ALA B 88 -1.69 -5.95 41.14
N PRO B 89 -2.21 -5.70 42.34
CA PRO B 89 -2.53 -6.80 43.23
C PRO B 89 -3.48 -7.76 42.60
N PRO B 90 -3.42 -9.04 42.96
CA PRO B 90 -4.28 -10.03 42.30
C PRO B 90 -5.75 -9.65 42.24
N ALA B 91 -6.33 -9.20 43.35
CA ALA B 91 -7.74 -8.89 43.38
C ALA B 91 -8.12 -7.87 42.32
N GLU B 92 -7.37 -6.76 42.24
CA GLU B 92 -7.68 -5.78 41.20
C GLU B 92 -7.30 -6.27 39.80
N ALA B 93 -6.15 -6.95 39.68
CA ALA B 93 -5.66 -7.35 38.36
C ALA B 93 -6.74 -8.09 37.57
N TYR B 94 -7.34 -9.10 38.19
CA TYR B 94 -8.39 -9.86 37.53
C TYR B 94 -9.62 -9.02 37.29
N ALA B 95 -9.98 -8.18 38.26
CA ALA B 95 -11.17 -7.35 38.08
C ALA B 95 -10.96 -6.32 37.00
N ARG B 96 -9.74 -5.87 36.80
CA ARG B 96 -9.56 -4.86 35.78
C ARG B 96 -9.59 -5.51 34.42
N MET B 97 -9.03 -6.72 34.34
CA MET B 97 -9.11 -7.45 33.09
C MET B 97 -10.56 -7.82 32.78
N GLY B 98 -11.29 -8.36 33.75
CA GLY B 98 -12.70 -8.61 33.52
C GLY B 98 -13.43 -7.37 33.05
N HIS B 99 -13.13 -6.22 33.67
CA HIS B 99 -13.71 -4.99 33.19
C HIS B 99 -13.32 -4.75 31.75
N ALA B 100 -12.02 -4.83 31.46
CA ALA B 100 -11.52 -4.50 30.13
C ALA B 100 -12.10 -5.41 29.08
N LEU B 101 -12.22 -6.69 29.39
CA LEU B 101 -12.70 -7.58 28.36
C LEU B 101 -14.15 -7.29 28.04
N GLU B 102 -14.90 -6.67 28.95
CA GLU B 102 -16.27 -6.35 28.59
C GLU B 102 -16.30 -5.17 27.63
N GLU B 103 -15.56 -4.11 27.95
CA GLU B 103 -15.59 -2.92 27.14
C GLU B 103 -14.88 -3.07 25.79
N ILE B 104 -14.16 -4.16 25.55
CA ILE B 104 -13.51 -4.29 24.25
C ILE B 104 -14.41 -4.96 23.23
N LYS B 105 -15.49 -5.61 23.68
CA LYS B 105 -16.40 -6.28 22.76
C LYS B 105 -16.99 -5.32 21.74
N LYS B 106 -17.10 -4.04 22.10
CA LYS B 106 -17.67 -3.02 21.23
C LYS B 106 -16.89 -2.89 19.93
N PHE B 107 -15.59 -3.16 19.98
CA PHE B 107 -14.70 -2.88 18.87
C PHE B 107 -14.41 -4.11 18.05
N LEU B 108 -14.98 -5.25 18.43
CA LEU B 108 -14.73 -6.46 17.68
C LEU B 108 -15.91 -6.87 16.82
N ILE B 109 -16.76 -5.90 16.47
CA ILE B 109 -17.81 -6.13 15.50
C ILE B 109 -17.67 -4.98 14.51
N PRO B 110 -17.84 -5.23 13.22
CA PRO B 110 -17.52 -4.18 12.24
C PRO B 110 -18.37 -2.94 12.39
N ASP B 111 -17.91 -1.87 11.76
CA ASP B 111 -18.78 -0.75 11.42
C ASP B 111 -19.52 -1.05 10.12
N TYR B 112 -20.56 -0.27 9.86
CA TYR B 112 -21.31 -0.36 8.63
C TYR B 112 -21.42 1.02 8.00
N ASN B 113 -20.28 1.69 7.90
CA ASN B 113 -20.18 3.07 7.50
C ASN B 113 -20.95 3.99 8.45
N GLY C 1 -25.19 -46.40 -10.52
CA GLY C 1 -24.46 -46.98 -11.63
C GLY C 1 -23.19 -47.72 -11.28
N ALA C 2 -22.39 -47.99 -12.31
CA ALA C 2 -21.16 -48.78 -12.21
C ALA C 2 -20.06 -47.94 -11.55
N ILE C 3 -19.48 -48.50 -10.47
CA ILE C 3 -18.62 -47.76 -9.52
C ILE C 3 -17.36 -47.16 -10.13
N ASN C 4 -16.87 -47.70 -11.26
CA ASN C 4 -15.68 -47.14 -11.90
C ASN C 4 -16.00 -46.47 -13.22
N LYS C 5 -17.25 -46.48 -13.65
CA LYS C 5 -17.68 -45.68 -14.79
C LYS C 5 -17.74 -44.22 -14.39
N ASN C 6 -17.07 -43.35 -15.16
CA ASN C 6 -17.16 -41.91 -14.87
C ASN C 6 -18.60 -41.42 -14.81
N MET C 7 -18.83 -40.47 -13.92
CA MET C 7 -20.15 -39.92 -13.64
C MET C 7 -20.10 -38.39 -13.67
N LYS C 8 -21.25 -37.77 -13.91
CA LYS C 8 -21.43 -36.33 -13.85
C LYS C 8 -22.19 -35.97 -12.58
N LEU C 9 -21.67 -34.99 -11.83
CA LEU C 9 -22.30 -34.49 -10.62
C LEU C 9 -22.68 -33.03 -10.77
N GLY C 10 -23.69 -32.62 -10.02
CA GLY C 10 -24.05 -31.23 -10.04
C GLY C 10 -24.76 -30.84 -8.78
N GLN C 11 -24.41 -29.68 -8.24
CA GLN C 11 -25.02 -29.16 -7.03
C GLN C 11 -25.13 -27.65 -7.19
N LYS C 12 -26.35 -27.13 -6.99
CA LYS C 12 -26.61 -25.69 -7.00
C LYS C 12 -26.28 -25.10 -5.64
N VAL C 13 -25.41 -24.08 -5.60
CA VAL C 13 -25.03 -23.46 -4.31
C VAL C 13 -25.64 -22.06 -4.25
N LEU C 14 -26.60 -21.89 -3.35
CA LEU C 14 -27.32 -20.63 -3.29
C LEU C 14 -26.38 -19.54 -2.82
N ILE C 15 -26.52 -18.37 -3.41
CA ILE C 15 -25.73 -17.20 -3.03
C ILE C 15 -26.63 -16.40 -2.09
N PRO C 16 -26.11 -16.00 -0.68
CA PRO C 16 -27.04 -15.41 0.34
C PRO C 16 -27.41 -13.96 0.14
N VAL C 17 -28.26 -13.69 -0.85
CA VAL C 17 -28.65 -12.31 -1.09
C VAL C 17 -29.68 -11.85 -0.09
N LYS C 18 -30.44 -12.76 0.48
CA LYS C 18 -31.44 -12.38 1.48
C LYS C 18 -30.79 -12.08 2.81
N GLN C 19 -29.66 -12.71 3.11
CA GLN C 19 -28.98 -12.53 4.38
C GLN C 19 -27.93 -11.43 4.32
N PHE C 20 -27.28 -11.26 3.18
CA PHE C 20 -26.36 -10.15 2.95
C PHE C 20 -26.90 -9.27 1.82
N PRO C 21 -27.82 -8.37 2.14
CA PRO C 21 -28.39 -7.50 1.10
C PRO C 21 -27.33 -6.60 0.49
N LYS C 22 -27.45 -6.36 -0.82
CA LYS C 22 -26.73 -5.35 -1.55
C LYS C 22 -25.24 -5.62 -1.73
N PHE C 23 -24.70 -6.77 -1.32
CA PHE C 23 -23.27 -7.02 -1.50
C PHE C 23 -23.01 -7.73 -2.83
N ASN C 24 -22.06 -7.22 -3.62
CA ASN C 24 -21.73 -7.86 -4.91
C ASN C 24 -20.87 -9.09 -4.65
N PHE C 25 -21.52 -10.26 -4.63
CA PHE C 25 -20.81 -11.52 -4.49
C PHE C 25 -20.20 -11.95 -5.82
N VAL C 26 -20.88 -11.66 -6.94
CA VAL C 26 -20.40 -12.13 -8.24
C VAL C 26 -19.01 -11.58 -8.50
N GLY C 27 -18.82 -10.29 -8.24
CA GLY C 27 -17.50 -9.76 -8.36
C GLY C 27 -16.54 -10.46 -7.42
N LYS C 28 -17.03 -10.87 -6.26
CA LYS C 28 -16.11 -11.45 -5.29
C LYS C 28 -15.75 -12.87 -5.67
N LEU C 29 -16.72 -13.65 -6.12
CA LEU C 29 -16.42 -14.99 -6.58
C LEU C 29 -15.44 -14.97 -7.74
N LEU C 30 -15.62 -14.05 -8.69
CA LEU C 30 -14.76 -14.08 -9.88
C LEU C 30 -13.44 -13.36 -9.66
N GLY C 31 -13.43 -12.39 -8.75
CA GLY C 31 -12.26 -11.59 -8.50
C GLY C 31 -11.91 -10.80 -9.74
N PRO C 32 -10.63 -10.42 -9.88
CA PRO C 32 -10.16 -9.75 -11.11
C PRO C 32 -10.08 -10.67 -12.32
N ARG C 33 -10.72 -10.25 -13.41
CA ARG C 33 -10.84 -11.03 -14.65
C ARG C 33 -11.12 -12.53 -14.40
N GLY C 34 -11.92 -12.82 -13.37
CA GLY C 34 -12.32 -14.18 -13.16
C GLY C 34 -11.23 -15.10 -12.66
N ASN C 35 -10.12 -14.56 -12.15
CA ASN C 35 -9.08 -15.47 -11.72
C ASN C 35 -9.25 -15.91 -10.30
N SER C 36 -10.28 -15.44 -9.59
CA SER C 36 -10.57 -16.01 -8.30
C SER C 36 -11.45 -17.22 -8.43
N LEU C 37 -12.26 -17.30 -9.48
CA LEU C 37 -13.04 -18.48 -9.79
C LEU C 37 -12.26 -19.47 -10.66
N LYS C 38 -11.54 -19.00 -11.67
CA LYS C 38 -10.61 -19.88 -12.38
C LYS C 38 -9.72 -20.60 -11.39
N ARG C 39 -9.06 -19.85 -10.50
CA ARG C 39 -8.18 -20.47 -9.53
C ARG C 39 -8.94 -21.41 -8.60
N LEU C 40 -10.20 -21.12 -8.32
CA LEU C 40 -10.92 -21.96 -7.35
C LEU C 40 -11.44 -23.26 -7.98
N GLN C 41 -11.62 -23.29 -9.29
CA GLN C 41 -11.97 -24.56 -9.91
C GLN C 41 -10.70 -25.38 -10.08
N GLU C 42 -9.60 -24.76 -10.51
CA GLU C 42 -8.32 -25.45 -10.62
C GLU C 42 -7.97 -26.12 -9.29
N GLU C 43 -8.08 -25.38 -8.17
CA GLU C 43 -7.79 -25.93 -6.85
C GLU C 43 -8.53 -27.25 -6.59
N THR C 44 -9.83 -27.27 -6.91
CA THR C 44 -10.69 -28.36 -6.50
C THR C 44 -11.04 -29.31 -7.63
N LEU C 45 -10.65 -29.00 -8.88
CA LEU C 45 -10.91 -29.84 -10.06
C LEU C 45 -12.40 -30.04 -10.30
N THR C 46 -13.18 -28.99 -10.07
CA THR C 46 -14.59 -28.93 -10.43
C THR C 46 -14.77 -27.86 -11.49
N LYS C 47 -16.00 -27.67 -11.93
CA LYS C 47 -16.31 -26.58 -12.82
C LYS C 47 -17.49 -25.82 -12.25
N MET C 48 -17.41 -24.50 -12.30
CA MET C 48 -18.33 -23.64 -11.57
C MET C 48 -18.85 -22.55 -12.47
N SER C 49 -20.12 -22.24 -12.33
CA SER C 49 -20.73 -21.15 -13.07
C SER C 49 -21.68 -20.39 -12.17
N ILE C 50 -21.74 -19.07 -12.34
CA ILE C 50 -22.65 -18.23 -11.57
C ILE C 50 -23.85 -17.97 -12.48
N LEU C 51 -24.99 -18.52 -12.06
CA LEU C 51 -26.25 -18.48 -12.79
C LEU C 51 -27.31 -17.86 -11.91
N GLY C 52 -28.47 -17.64 -12.50
CA GLY C 52 -29.61 -17.15 -11.75
C GLY C 52 -29.82 -15.67 -11.94
N LYS C 53 -30.88 -15.21 -11.29
CA LYS C 53 -31.27 -13.81 -11.30
C LYS C 53 -30.14 -12.92 -10.80
N GLY C 54 -29.72 -11.98 -11.64
CA GLY C 54 -28.65 -11.07 -11.30
C GLY C 54 -27.27 -11.59 -11.59
N SER C 55 -27.13 -12.78 -12.18
CA SER C 55 -25.81 -13.31 -12.48
C SER C 55 -25.14 -12.49 -13.58
N MET C 56 -25.94 -11.67 -14.26
CA MET C 56 -25.50 -10.83 -15.35
C MET C 56 -25.58 -9.38 -14.91
N ARG C 57 -24.57 -8.55 -15.31
CA ARG C 57 -24.39 -7.21 -14.73
C ARG C 57 -25.53 -6.29 -15.08
N ASP C 58 -26.64 -6.81 -15.65
CA ASP C 58 -27.82 -6.00 -15.91
C ASP C 58 -29.11 -6.79 -15.78
N LYS C 59 -30.10 -6.08 -15.27
CA LYS C 59 -31.49 -6.54 -15.21
C LYS C 59 -32.10 -6.72 -16.60
N ALA C 60 -31.75 -5.85 -17.56
CA ALA C 60 -32.46 -5.80 -18.85
C ALA C 60 -32.05 -6.93 -19.79
N LYS C 61 -30.77 -6.97 -20.20
CA LYS C 61 -30.35 -8.11 -21.03
C LYS C 61 -30.72 -9.41 -20.37
N GLU C 62 -30.49 -9.52 -19.07
CA GLU C 62 -30.82 -10.77 -18.39
C GLU C 62 -32.32 -10.99 -18.39
N GLU C 63 -33.12 -9.94 -18.48
CA GLU C 63 -34.57 -10.12 -18.57
C GLU C 63 -34.98 -10.57 -19.96
N GLU C 64 -34.39 -9.96 -20.99
CA GLU C 64 -34.70 -10.38 -22.35
C GLU C 64 -34.28 -11.81 -22.58
N LEU C 65 -32.99 -12.12 -22.33
CA LEU C 65 -32.52 -13.48 -22.47
C LEU C 65 -33.40 -14.45 -21.73
N ARG C 66 -33.91 -14.02 -20.60
CA ARG C 66 -34.84 -14.83 -19.84
C ARG C 66 -36.19 -14.95 -20.54
N LYS C 67 -36.72 -13.85 -21.07
CA LYS C 67 -38.00 -13.93 -21.77
C LYS C 67 -37.89 -14.60 -23.13
N SER C 68 -36.68 -14.95 -23.57
CA SER C 68 -36.53 -15.63 -24.87
C SER C 68 -37.12 -17.03 -24.79
N GLY C 69 -36.90 -17.73 -23.68
CA GLY C 69 -37.41 -19.07 -23.50
C GLY C 69 -36.40 -20.16 -23.71
N GLU C 70 -35.25 -19.88 -24.34
CA GLU C 70 -34.28 -20.93 -24.63
C GLU C 70 -33.82 -21.60 -23.35
N ALA C 71 -33.63 -22.92 -23.40
CA ALA C 71 -33.31 -23.67 -22.18
C ALA C 71 -32.04 -23.17 -21.53
N LYS C 72 -31.10 -22.66 -22.32
CA LYS C 72 -29.85 -22.14 -21.77
C LYS C 72 -30.09 -20.97 -20.82
N TYR C 73 -31.27 -20.35 -20.86
CA TYR C 73 -31.61 -19.25 -19.96
C TYR C 73 -32.70 -19.65 -18.98
N PHE C 74 -32.93 -20.95 -18.81
CA PHE C 74 -33.82 -21.40 -17.75
C PHE C 74 -33.33 -20.93 -16.38
N HIS C 75 -32.01 -20.84 -16.18
CA HIS C 75 -31.51 -20.54 -14.84
C HIS C 75 -31.88 -19.12 -14.38
N LEU C 76 -32.25 -18.24 -15.29
CA LEU C 76 -32.42 -16.86 -14.84
C LEU C 76 -33.75 -16.62 -14.15
N ASN C 77 -34.58 -17.65 -14.02
CA ASN C 77 -35.70 -17.59 -13.11
C ASN C 77 -35.32 -18.12 -11.74
N ASP C 78 -34.28 -18.95 -11.67
CA ASP C 78 -33.88 -19.47 -10.38
C ASP C 78 -33.09 -18.38 -9.67
N ASP C 79 -33.07 -18.53 -8.35
CA ASP C 79 -32.35 -17.64 -7.48
C ASP C 79 -30.88 -17.70 -7.86
N LEU C 80 -30.15 -16.64 -7.49
CA LEU C 80 -28.75 -16.55 -7.83
C LEU C 80 -27.96 -17.61 -7.11
N HIS C 81 -27.05 -18.27 -7.83
CA HIS C 81 -26.39 -19.46 -7.32
C HIS C 81 -25.18 -19.76 -8.17
N VAL C 82 -24.27 -20.53 -7.61
CA VAL C 82 -23.16 -21.12 -8.32
C VAL C 82 -23.46 -22.59 -8.52
N LEU C 83 -23.31 -23.07 -9.75
CA LEU C 83 -23.52 -24.48 -10.05
C LEU C 83 -22.15 -25.14 -10.14
N ILE C 84 -21.85 -25.99 -9.21
CA ILE C 84 -20.60 -26.73 -9.21
C ILE C 84 -20.84 -28.04 -9.93
N GLU C 85 -19.93 -28.39 -10.84
CA GLU C 85 -20.09 -29.59 -11.65
C GLU C 85 -18.78 -30.33 -11.70
N VAL C 86 -18.85 -31.65 -11.82
CA VAL C 86 -17.64 -32.47 -11.88
C VAL C 86 -17.94 -33.71 -12.72
N PHE C 87 -16.95 -34.18 -13.49
CA PHE C 87 -17.05 -35.43 -14.23
C PHE C 87 -15.81 -36.28 -13.96
N ALA C 88 -16.01 -37.39 -13.25
CA ALA C 88 -14.97 -38.27 -12.73
C ALA C 88 -15.59 -39.57 -12.23
N PRO C 89 -14.79 -40.57 -11.84
CA PRO C 89 -15.38 -41.75 -11.21
C PRO C 89 -16.11 -41.35 -9.95
N PRO C 90 -17.09 -42.14 -9.53
CA PRO C 90 -17.96 -41.72 -8.41
C PRO C 90 -17.22 -41.26 -7.14
N ALA C 91 -16.30 -42.08 -6.64
CA ALA C 91 -15.56 -41.72 -5.43
C ALA C 91 -14.89 -40.38 -5.58
N GLU C 92 -14.28 -40.15 -6.74
CA GLU C 92 -13.66 -38.87 -7.05
C GLU C 92 -14.70 -37.77 -7.20
N ALA C 93 -15.81 -38.07 -7.89
CA ALA C 93 -16.79 -37.02 -8.13
C ALA C 93 -17.29 -36.43 -6.82
N TYR C 94 -17.75 -37.26 -5.89
CA TYR C 94 -18.27 -36.71 -4.64
C TYR C 94 -17.15 -36.09 -3.81
N ALA C 95 -15.96 -36.65 -3.84
CA ALA C 95 -14.88 -36.11 -3.03
C ALA C 95 -14.49 -34.70 -3.47
N ARG C 96 -14.46 -34.43 -4.76
CA ARG C 96 -14.06 -33.11 -5.22
C ARG C 96 -15.17 -32.10 -4.97
N MET C 97 -16.41 -32.50 -5.24
CA MET C 97 -17.52 -31.67 -4.84
C MET C 97 -17.43 -31.31 -3.37
N GLY C 98 -17.29 -32.32 -2.50
CA GLY C 98 -17.12 -32.03 -1.07
C GLY C 98 -15.96 -31.09 -0.82
N HIS C 99 -14.84 -31.31 -1.51
CA HIS C 99 -13.71 -30.40 -1.47
C HIS C 99 -14.11 -29.02 -1.94
N ALA C 100 -14.79 -28.96 -3.09
CA ALA C 100 -15.13 -27.68 -3.67
C ALA C 100 -16.10 -26.92 -2.77
N LEU C 101 -17.07 -27.61 -2.18
CA LEU C 101 -17.98 -26.88 -1.32
C LEU C 101 -17.36 -26.42 -0.02
N GLU C 102 -16.18 -26.92 0.36
CA GLU C 102 -15.56 -26.37 1.57
C GLU C 102 -14.80 -25.08 1.27
N GLU C 103 -14.11 -25.04 0.13
CA GLU C 103 -13.33 -23.88 -0.28
C GLU C 103 -14.17 -22.72 -0.77
N ILE C 104 -15.47 -22.91 -1.02
CA ILE C 104 -16.28 -21.80 -1.54
C ILE C 104 -16.94 -21.00 -0.42
N LYS C 105 -16.94 -21.50 0.81
CA LYS C 105 -17.64 -20.81 1.88
C LYS C 105 -17.15 -19.38 2.03
N LYS C 106 -15.86 -19.13 1.83
CA LYS C 106 -15.34 -17.80 2.08
C LYS C 106 -15.84 -16.82 1.04
N PHE C 107 -16.18 -17.27 -0.15
CA PHE C 107 -16.69 -16.32 -1.12
C PHE C 107 -18.16 -16.05 -0.95
N LEU C 108 -18.81 -16.71 0.00
CA LEU C 108 -20.21 -16.42 0.28
C LEU C 108 -20.39 -15.68 1.60
N ILE C 109 -19.39 -14.90 2.00
CA ILE C 109 -19.56 -13.98 3.11
C ILE C 109 -18.95 -12.65 2.66
N PRO C 110 -19.47 -11.51 3.11
CA PRO C 110 -19.00 -10.23 2.59
C PRO C 110 -17.54 -9.95 2.90
N ASP C 111 -16.95 -9.11 2.05
CA ASP C 111 -15.84 -8.27 2.45
C ASP C 111 -16.44 -7.09 3.22
N TYR C 112 -15.73 -6.62 4.23
CA TYR C 112 -16.28 -5.55 5.03
C TYR C 112 -15.55 -4.22 4.82
N ASN C 113 -14.56 -4.18 3.94
CA ASN C 113 -13.99 -2.89 3.62
C ASN C 113 -14.97 -2.07 2.81
N GLY D 1 5.30 24.01 -10.55
CA GLY D 1 4.57 23.85 -9.31
C GLY D 1 5.21 24.53 -8.11
N ALA D 2 4.72 24.21 -6.92
CA ALA D 2 5.20 24.83 -5.69
C ALA D 2 6.52 24.22 -5.25
N ILE D 3 7.47 25.10 -4.89
CA ILE D 3 8.88 24.74 -4.67
C ILE D 3 9.04 23.71 -3.55
N ASN D 4 8.13 23.69 -2.59
CA ASN D 4 8.19 22.71 -1.52
C ASN D 4 7.10 21.65 -1.59
N LYS D 5 6.05 21.83 -2.38
CA LYS D 5 5.03 20.78 -2.45
C LYS D 5 5.55 19.65 -3.33
N ASN D 6 5.39 18.43 -2.84
CA ASN D 6 5.83 17.27 -3.58
C ASN D 6 5.07 17.15 -4.89
N MET D 7 5.75 16.61 -5.89
CA MET D 7 5.19 16.42 -7.22
C MET D 7 5.46 14.97 -7.61
N LYS D 8 4.71 14.44 -8.56
CA LYS D 8 5.04 13.12 -9.06
C LYS D 8 5.74 13.29 -10.41
N LEU D 9 6.84 12.57 -10.59
CA LEU D 9 7.57 12.60 -11.84
C LEU D 9 7.54 11.24 -12.51
N GLY D 10 7.70 11.26 -13.83
CA GLY D 10 7.71 10.04 -14.57
C GLY D 10 8.51 10.18 -15.83
N GLN D 11 9.32 9.18 -16.14
CA GLN D 11 10.15 9.17 -17.34
C GLN D 11 10.27 7.75 -17.87
N LYS D 12 9.76 7.55 -19.07
CA LYS D 12 9.87 6.27 -19.73
C LYS D 12 11.26 6.14 -20.31
N VAL D 13 11.86 4.98 -20.12
CA VAL D 13 13.19 4.70 -20.62
C VAL D 13 13.09 3.52 -21.57
N LEU D 14 13.36 3.78 -22.84
CA LEU D 14 13.20 2.77 -23.88
C LEU D 14 14.23 1.66 -23.76
N ILE D 15 13.79 0.44 -24.01
CA ILE D 15 14.64 -0.73 -24.05
C ILE D 15 14.93 -1.05 -25.51
N PRO D 16 16.34 -1.10 -25.98
CA PRO D 16 16.65 -1.19 -27.43
C PRO D 16 16.50 -2.59 -28.03
N VAL D 17 15.25 -2.96 -28.33
CA VAL D 17 14.99 -4.27 -28.90
C VAL D 17 15.35 -4.30 -30.37
N LYS D 18 15.20 -3.19 -31.09
CA LYS D 18 15.51 -3.21 -32.52
C LYS D 18 17.01 -3.40 -32.76
N GLN D 19 17.86 -2.80 -31.91
CA GLN D 19 19.29 -2.88 -32.16
C GLN D 19 19.93 -4.18 -31.66
N PHE D 20 19.37 -4.79 -30.63
CA PHE D 20 19.87 -6.06 -30.10
C PHE D 20 18.67 -6.98 -30.02
N PRO D 21 18.24 -7.52 -31.16
CA PRO D 21 17.00 -8.34 -31.14
C PRO D 21 17.04 -9.57 -30.25
N LYS D 22 18.23 -10.18 -30.07
CA LYS D 22 18.33 -11.55 -29.56
C LYS D 22 18.69 -11.67 -28.08
N PHE D 23 19.10 -10.59 -27.41
CA PHE D 23 19.48 -10.63 -26.00
C PHE D 23 18.33 -10.15 -25.10
N ASN D 24 18.01 -10.99 -24.10
CA ASN D 24 16.95 -10.80 -23.10
C ASN D 24 17.42 -9.78 -22.07
N PHE D 25 16.82 -8.59 -22.06
CA PHE D 25 17.24 -7.67 -21.01
C PHE D 25 16.40 -7.88 -19.78
N VAL D 26 15.14 -8.29 -19.95
CA VAL D 26 14.19 -8.30 -18.82
C VAL D 26 14.76 -9.13 -17.69
N GLY D 27 15.25 -10.33 -18.02
CA GLY D 27 15.95 -11.12 -17.03
C GLY D 27 17.20 -10.44 -16.52
N LYS D 28 17.84 -9.63 -17.36
CA LYS D 28 19.07 -8.95 -16.96
C LYS D 28 18.79 -7.82 -15.96
N LEU D 29 17.70 -7.09 -16.17
CA LEU D 29 17.33 -6.04 -15.23
C LEU D 29 16.92 -6.61 -13.89
N LEU D 30 16.18 -7.70 -13.89
CA LEU D 30 15.77 -8.27 -12.62
C LEU D 30 16.73 -9.32 -12.09
N GLY D 31 17.67 -9.81 -12.91
CA GLY D 31 18.59 -10.86 -12.55
C GLY D 31 17.91 -12.23 -12.34
N PRO D 32 18.46 -13.10 -11.49
CA PRO D 32 17.76 -14.33 -11.15
C PRO D 32 16.50 -13.98 -10.31
N ARG D 33 16.58 -14.25 -9.01
CA ARG D 33 16.03 -13.41 -7.95
C ARG D 33 14.68 -12.71 -8.22
N GLY D 34 14.54 -12.09 -9.41
CA GLY D 34 13.59 -11.01 -9.63
C GLY D 34 13.78 -9.77 -8.75
N ASN D 35 14.95 -9.69 -8.10
CA ASN D 35 15.26 -8.67 -7.09
C ASN D 35 16.53 -7.87 -7.38
N SER D 36 17.13 -7.98 -8.57
CA SER D 36 18.24 -7.08 -8.82
C SER D 36 17.74 -5.71 -9.17
N LEU D 37 16.47 -5.61 -9.54
CA LEU D 37 15.78 -4.34 -9.65
C LEU D 37 15.23 -3.84 -8.32
N LYS D 38 14.97 -4.72 -7.35
CA LYS D 38 14.61 -4.25 -6.00
C LYS D 38 15.70 -3.35 -5.45
N ARG D 39 16.95 -3.60 -5.84
CA ARG D 39 18.08 -2.75 -5.46
C ARG D 39 17.87 -1.36 -6.02
N LEU D 40 17.99 -1.28 -7.34
CA LEU D 40 18.17 0.00 -8.03
C LEU D 40 17.05 0.97 -7.74
N GLN D 41 15.92 0.50 -7.21
CA GLN D 41 14.94 1.48 -6.80
C GLN D 41 15.29 2.04 -5.44
N GLU D 42 15.34 1.19 -4.41
CA GLU D 42 15.61 1.79 -3.12
C GLU D 42 17.07 2.20 -2.95
N GLU D 43 17.90 2.04 -3.98
CA GLU D 43 19.17 2.74 -4.00
C GLU D 43 18.98 4.15 -4.52
N THR D 44 18.41 4.29 -5.73
CA THR D 44 18.09 5.59 -6.29
C THR D 44 16.85 6.20 -5.67
N LEU D 45 16.15 5.48 -4.79
CA LEU D 45 14.95 5.96 -4.13
C LEU D 45 13.86 6.28 -5.16
N THR D 46 13.75 5.41 -6.17
CA THR D 46 12.75 5.53 -7.23
C THR D 46 11.73 4.38 -7.17
N LYS D 47 10.81 4.38 -8.13
CA LYS D 47 9.89 3.28 -8.37
C LYS D 47 9.86 2.97 -9.86
N MET D 48 10.00 1.70 -10.21
CA MET D 48 10.15 1.27 -11.59
C MET D 48 9.24 0.09 -11.86
N SER D 49 8.83 -0.04 -13.11
CA SER D 49 8.00 -1.13 -13.59
C SER D 49 8.37 -1.38 -15.04
N ILE D 50 8.30 -2.64 -15.45
CA ILE D 50 8.62 -3.06 -16.81
C ILE D 50 7.31 -3.15 -17.59
N LEU D 51 7.16 -2.28 -18.59
CA LEU D 51 5.92 -2.12 -19.34
C LEU D 51 6.24 -2.31 -20.81
N GLY D 52 5.22 -2.35 -21.67
CA GLY D 52 5.42 -2.24 -23.11
C GLY D 52 5.45 -3.58 -23.85
N LYS D 53 6.46 -3.78 -24.72
CA LYS D 53 6.65 -5.02 -25.46
C LYS D 53 6.72 -6.19 -24.48
N GLY D 54 6.89 -7.41 -24.99
CA GLY D 54 6.90 -8.64 -24.20
C GLY D 54 7.26 -8.58 -22.73
N SER D 55 6.67 -7.64 -22.00
CA SER D 55 6.95 -7.51 -20.59
C SER D 55 6.33 -8.64 -19.78
N MET D 56 5.40 -9.41 -20.38
CA MET D 56 4.67 -10.43 -19.64
C MET D 56 5.12 -11.87 -19.91
N ARG D 57 5.94 -12.12 -20.93
CA ARG D 57 6.47 -13.46 -21.16
C ARG D 57 5.35 -14.48 -21.26
N ASP D 58 4.27 -14.05 -21.90
CA ASP D 58 3.07 -14.85 -22.05
C ASP D 58 2.23 -14.01 -23.01
N LYS D 59 2.69 -13.95 -24.26
CA LYS D 59 2.06 -13.10 -25.26
C LYS D 59 0.58 -13.39 -25.40
N ALA D 60 0.17 -14.63 -25.14
CA ALA D 60 -1.24 -15.00 -25.20
C ALA D 60 -2.05 -14.19 -24.20
N LYS D 61 -1.71 -14.30 -22.91
CA LYS D 61 -2.40 -13.49 -21.93
C LYS D 61 -2.07 -12.01 -22.09
N GLU D 62 -0.88 -11.68 -22.59
CA GLU D 62 -0.49 -10.27 -22.63
C GLU D 62 -1.24 -9.55 -23.74
N GLU D 63 -1.64 -10.23 -24.80
CA GLU D 63 -2.36 -9.53 -25.85
C GLU D 63 -3.83 -9.36 -25.51
N GLU D 64 -4.45 -10.35 -24.86
CA GLU D 64 -5.87 -10.23 -24.57
C GLU D 64 -6.11 -9.26 -23.42
N LEU D 65 -5.17 -9.15 -22.49
CA LEU D 65 -5.21 -7.99 -21.60
C LEU D 65 -5.01 -6.69 -22.36
N ARG D 66 -4.18 -6.70 -23.40
CA ARG D 66 -4.03 -5.51 -24.23
C ARG D 66 -5.29 -5.24 -25.04
N LYS D 67 -5.90 -6.27 -25.62
CA LYS D 67 -7.14 -6.12 -26.36
C LYS D 67 -8.34 -5.89 -25.46
N SER D 68 -8.11 -5.79 -24.15
CA SER D 68 -9.22 -5.63 -23.23
C SER D 68 -9.73 -4.19 -23.23
N GLY D 69 -8.83 -3.23 -23.27
CA GLY D 69 -9.24 -1.84 -23.30
C GLY D 69 -9.17 -1.11 -21.97
N GLU D 70 -8.82 -1.79 -20.87
CA GLU D 70 -8.70 -1.13 -19.57
C GLU D 70 -7.45 -0.26 -19.53
N ALA D 71 -7.60 0.91 -18.91
CA ALA D 71 -6.54 1.91 -18.90
C ALA D 71 -5.27 1.40 -18.23
N LYS D 72 -5.41 0.47 -17.27
CA LYS D 72 -4.21 -0.07 -16.62
C LYS D 72 -3.31 -0.80 -17.61
N TYR D 73 -3.84 -1.24 -18.75
CA TYR D 73 -3.01 -1.97 -19.72
C TYR D 73 -2.79 -1.18 -21.02
N PHE D 74 -3.04 0.13 -20.99
CA PHE D 74 -2.70 0.99 -22.11
C PHE D 74 -1.22 0.87 -22.46
N HIS D 75 -0.37 0.59 -21.47
CA HIS D 75 1.05 0.55 -21.76
C HIS D 75 1.43 -0.60 -22.69
N LEU D 76 0.55 -1.58 -22.92
CA LEU D 76 0.95 -2.74 -23.73
C LEU D 76 0.87 -2.51 -25.25
N ASN D 77 0.45 -1.33 -25.69
CA ASN D 77 0.67 -0.91 -27.05
C ASN D 77 1.95 -0.12 -27.17
N ASP D 78 2.44 0.39 -26.05
CA ASP D 78 3.65 1.17 -26.08
C ASP D 78 4.84 0.20 -26.14
N ASP D 79 5.97 0.70 -26.60
CA ASP D 79 7.16 -0.12 -26.60
C ASP D 79 7.64 -0.36 -25.18
N LEU D 80 8.44 -1.43 -25.01
CA LEU D 80 8.94 -1.83 -23.69
C LEU D 80 9.92 -0.80 -23.19
N HIS D 81 9.79 -0.46 -21.92
CA HIS D 81 10.44 0.72 -21.36
C HIS D 81 10.47 0.53 -19.86
N VAL D 82 11.33 1.28 -19.20
CA VAL D 82 11.31 1.31 -17.75
C VAL D 82 10.64 2.63 -17.42
N LEU D 83 9.56 2.57 -16.63
CA LEU D 83 8.87 3.77 -16.20
C LEU D 83 9.32 4.04 -14.78
N ILE D 84 10.15 5.06 -14.64
CA ILE D 84 10.66 5.50 -13.35
C ILE D 84 9.73 6.59 -12.84
N GLU D 85 9.32 6.48 -11.58
CA GLU D 85 8.39 7.44 -11.00
C GLU D 85 8.91 7.83 -9.62
N VAL D 86 8.67 9.07 -9.23
CA VAL D 86 9.21 9.61 -7.98
C VAL D 86 8.17 10.56 -7.38
N PHE D 87 8.08 10.55 -6.06
CA PHE D 87 7.25 11.52 -5.37
C PHE D 87 8.05 12.15 -4.24
N ALA D 88 8.38 13.43 -4.41
CA ALA D 88 9.22 14.20 -3.49
C ALA D 88 9.10 15.67 -3.88
N PRO D 89 9.62 16.61 -3.11
CA PRO D 89 9.67 17.97 -3.60
C PRO D 89 10.48 18.02 -4.89
N PRO D 90 10.16 18.95 -5.79
CA PRO D 90 10.74 18.88 -7.14
C PRO D 90 12.24 18.74 -7.16
N ALA D 91 12.95 19.59 -6.41
CA ALA D 91 14.41 19.55 -6.41
C ALA D 91 14.92 18.16 -6.05
N GLU D 92 14.34 17.54 -5.01
CA GLU D 92 14.68 16.14 -4.74
C GLU D 92 14.15 15.26 -5.86
N ALA D 93 12.94 15.54 -6.34
CA ALA D 93 12.33 14.70 -7.37
C ALA D 93 13.21 14.62 -8.62
N TYR D 94 13.60 15.76 -9.19
CA TYR D 94 14.36 15.69 -10.43
C TYR D 94 15.72 15.06 -10.20
N ALA D 95 16.36 15.36 -9.06
CA ALA D 95 17.69 14.85 -8.81
C ALA D 95 17.70 13.32 -8.72
N ARG D 96 16.63 12.75 -8.17
CA ARG D 96 16.60 11.31 -7.97
C ARG D 96 16.42 10.59 -9.29
N MET D 97 15.59 11.14 -10.15
CA MET D 97 15.42 10.55 -11.47
C MET D 97 16.75 10.48 -12.22
N GLY D 98 17.48 11.61 -12.26
CA GLY D 98 18.79 11.63 -12.91
C GLY D 98 19.75 10.58 -12.37
N HIS D 99 19.81 10.43 -11.05
CA HIS D 99 20.61 9.34 -10.48
C HIS D 99 20.13 8.01 -11.00
N ALA D 100 18.81 7.80 -11.04
CA ALA D 100 18.29 6.54 -11.54
C ALA D 100 18.66 6.36 -13.01
N LEU D 101 18.62 7.43 -13.79
CA LEU D 101 18.93 7.30 -15.20
C LEU D 101 20.40 6.99 -15.46
N GLU D 102 21.30 7.29 -14.53
CA GLU D 102 22.68 6.82 -14.72
C GLU D 102 22.77 5.34 -14.40
N GLU D 103 22.24 4.96 -13.26
CA GLU D 103 22.47 3.64 -12.72
C GLU D 103 21.78 2.55 -13.55
N ILE D 104 20.85 2.92 -14.42
CA ILE D 104 20.17 1.92 -15.23
C ILE D 104 20.86 1.70 -16.57
N LYS D 105 21.78 2.58 -16.97
CA LYS D 105 22.39 2.46 -18.29
C LYS D 105 23.07 1.12 -18.47
N LYS D 106 23.71 0.62 -17.42
CA LYS D 106 24.43 -0.63 -17.52
C LYS D 106 23.50 -1.82 -17.81
N PHE D 107 22.22 -1.70 -17.53
CA PHE D 107 21.34 -2.81 -17.82
C PHE D 107 20.73 -2.74 -19.21
N LEU D 108 21.01 -1.67 -19.95
CA LEU D 108 20.54 -1.51 -21.32
C LEU D 108 21.68 -1.74 -22.29
N ILE D 109 22.62 -2.57 -21.90
CA ILE D 109 23.74 -2.89 -22.76
C ILE D 109 23.97 -4.39 -22.79
N PRO D 110 24.57 -4.91 -23.88
CA PRO D 110 25.09 -6.31 -23.91
C PRO D 110 25.50 -7.01 -22.60
N ASP D 111 25.87 -8.28 -22.78
CA ASP D 111 26.44 -9.12 -21.71
C ASP D 111 25.58 -9.12 -20.46
N GLY E 1 11.65 7.25 -23.38
CA GLY E 1 12.47 7.21 -24.57
C GLY E 1 13.87 6.65 -24.42
N ALA E 2 14.70 6.89 -25.44
CA ALA E 2 16.03 6.31 -25.55
C ALA E 2 17.03 7.05 -24.64
N ILE E 3 17.76 6.27 -23.83
CA ILE E 3 18.55 6.79 -22.70
C ILE E 3 19.62 7.79 -23.11
N ASN E 4 20.11 7.75 -24.35
CA ASN E 4 21.07 8.76 -24.76
C ASN E 4 20.60 9.70 -25.88
N LYS E 5 19.35 9.62 -26.35
CA LYS E 5 18.85 10.71 -27.18
C LYS E 5 18.47 11.89 -26.30
N ASN E 6 18.56 13.10 -26.87
CA ASN E 6 18.35 14.30 -26.09
C ASN E 6 16.87 14.61 -25.88
N MET E 7 16.55 15.14 -24.70
CA MET E 7 15.18 15.45 -24.33
C MET E 7 15.07 16.88 -23.82
N LYS E 8 13.87 17.45 -23.97
CA LYS E 8 13.58 18.75 -23.39
C LYS E 8 12.70 18.55 -22.17
N LEU E 9 13.05 19.21 -21.09
CA LEU E 9 12.30 19.26 -19.84
C LEU E 9 11.83 20.67 -19.59
N GLY E 10 10.77 20.80 -18.80
CA GLY E 10 10.25 22.11 -18.46
C GLY E 10 9.60 22.06 -17.11
N GLN E 11 9.82 23.09 -16.30
CA GLN E 11 9.31 23.14 -14.94
C GLN E 11 8.86 24.55 -14.61
N LYS E 12 7.57 24.71 -14.39
CA LYS E 12 7.07 25.94 -13.80
C LYS E 12 7.34 25.90 -12.31
N VAL E 13 8.05 26.89 -11.80
CA VAL E 13 8.23 27.09 -10.37
C VAL E 13 7.34 28.26 -9.98
N LEU E 14 6.31 27.99 -9.16
CA LEU E 14 5.39 29.03 -8.78
C LEU E 14 6.13 30.03 -7.89
N ILE E 15 5.89 31.31 -8.10
CA ILE E 15 6.53 32.36 -7.31
C ILE E 15 5.53 32.82 -6.25
N PRO E 16 5.91 32.79 -4.90
CA PRO E 16 4.86 32.95 -3.87
C PRO E 16 4.39 34.38 -3.67
N VAL E 17 3.56 34.87 -4.60
CA VAL E 17 2.99 36.20 -4.45
C VAL E 17 1.85 36.16 -3.44
N LYS E 18 1.44 34.96 -3.04
CA LYS E 18 0.59 34.81 -1.87
C LYS E 18 1.27 35.40 -0.64
N GLN E 19 2.50 34.94 -0.33
CA GLN E 19 2.96 34.97 1.05
C GLN E 19 3.95 36.10 1.38
N PHE E 20 4.69 36.63 0.40
CA PHE E 20 5.12 38.03 0.57
C PHE E 20 4.37 38.88 -0.44
N PRO E 21 3.13 39.30 -0.16
CA PRO E 21 2.40 40.16 -1.13
C PRO E 21 3.14 41.44 -1.47
N LYS E 22 4.00 41.94 -0.54
CA LYS E 22 4.73 43.19 -0.73
C LYS E 22 5.98 43.01 -1.59
N PHE E 23 6.75 41.94 -1.39
CA PHE E 23 8.14 41.90 -1.84
C PHE E 23 8.22 41.68 -3.34
N ASN E 24 8.92 42.58 -4.04
CA ASN E 24 9.13 42.44 -5.48
C ASN E 24 10.20 41.38 -5.68
N PHE E 25 9.79 40.22 -6.12
CA PHE E 25 10.82 39.24 -6.32
C PHE E 25 11.58 39.48 -7.61
N VAL E 26 10.91 39.97 -8.65
CA VAL E 26 11.51 40.00 -9.98
C VAL E 26 12.79 40.83 -10.00
N GLY E 27 12.77 42.01 -9.38
CA GLY E 27 14.00 42.76 -9.23
C GLY E 27 15.04 42.01 -8.42
N LYS E 28 14.59 41.29 -7.39
CA LYS E 28 15.47 40.41 -6.65
C LYS E 28 16.00 39.25 -7.49
N LEU E 29 15.30 38.88 -8.60
CA LEU E 29 15.76 37.75 -9.40
C LEU E 29 16.72 38.13 -10.51
N LEU E 30 16.49 39.23 -11.25
CA LEU E 30 17.37 39.60 -12.36
C LEU E 30 18.51 40.54 -12.01
N GLY E 31 18.40 41.34 -10.94
CA GLY E 31 19.53 42.05 -10.40
C GLY E 31 20.19 43.06 -11.33
N PRO E 32 21.55 43.10 -11.34
CA PRO E 32 22.20 43.96 -12.35
C PRO E 32 21.74 43.61 -13.78
N ARG E 33 20.95 44.52 -14.41
CA ARG E 33 20.67 44.54 -15.84
C ARG E 33 20.11 43.22 -16.37
N GLY E 34 19.67 42.34 -15.48
CA GLY E 34 19.34 41.00 -15.90
C GLY E 34 20.47 40.00 -15.83
N ASN E 35 21.50 40.26 -15.02
CA ASN E 35 22.63 39.35 -14.94
C ASN E 35 22.67 38.47 -13.70
N SER E 36 21.71 38.57 -12.78
CA SER E 36 21.73 37.51 -11.77
C SER E 36 20.92 36.31 -12.25
N LEU E 37 20.00 36.50 -13.20
CA LEU E 37 19.49 35.30 -13.84
C LEU E 37 20.43 34.87 -14.96
N LYS E 38 21.03 35.81 -15.67
CA LYS E 38 22.05 35.49 -16.66
C LYS E 38 22.97 34.42 -16.12
N ARG E 39 23.82 34.74 -15.13
CA ARG E 39 24.83 33.75 -14.72
C ARG E 39 24.20 32.54 -14.05
N LEU E 40 23.01 32.68 -13.46
CA LEU E 40 22.39 31.52 -12.82
C LEU E 40 21.96 30.45 -13.83
N GLN E 41 21.90 30.78 -15.12
CA GLN E 41 21.64 29.71 -16.05
C GLN E 41 22.91 28.98 -16.41
N GLU E 42 23.99 29.68 -16.72
CA GLU E 42 25.21 28.94 -16.97
C GLU E 42 25.78 28.33 -15.70
N GLU E 43 25.28 28.76 -14.54
CA GLU E 43 25.69 28.11 -13.30
C GLU E 43 25.04 26.75 -13.17
N THR E 44 23.83 26.59 -13.70
CA THR E 44 23.08 25.34 -13.62
C THR E 44 22.94 24.64 -14.96
N LEU E 45 23.40 25.26 -16.05
CA LEU E 45 23.33 24.74 -17.41
C LEU E 45 21.89 24.52 -17.87
N THR E 46 20.99 25.39 -17.41
CA THR E 46 19.58 25.44 -17.81
C THR E 46 19.34 26.78 -18.51
N LYS E 47 18.11 27.00 -18.95
CA LYS E 47 17.67 28.34 -19.35
C LYS E 47 16.32 28.57 -18.70
N MET E 48 16.14 29.77 -18.15
CA MET E 48 15.00 30.09 -17.32
C MET E 48 14.28 31.31 -17.87
N SER E 49 12.95 31.29 -17.75
CA SER E 49 12.11 32.36 -18.25
C SER E 49 11.10 32.71 -17.18
N ILE E 50 10.80 33.99 -17.03
CA ILE E 50 9.83 34.47 -16.05
C ILE E 50 8.54 34.76 -16.80
N LEU E 51 7.49 33.99 -16.49
CA LEU E 51 6.19 34.06 -17.14
C LEU E 51 5.10 34.27 -16.09
N GLY E 52 3.88 34.46 -16.54
CA GLY E 52 2.74 34.54 -15.65
C GLY E 52 2.33 35.98 -15.38
N LYS E 53 1.07 36.12 -14.95
CA LYS E 53 0.47 37.43 -14.69
C LYS E 53 1.30 38.27 -13.72
N GLY E 54 1.87 39.38 -14.23
CA GLY E 54 2.82 40.20 -13.51
C GLY E 54 4.23 40.08 -14.01
N SER E 55 4.45 39.31 -15.08
CA SER E 55 5.78 39.10 -15.63
C SER E 55 6.37 40.36 -16.27
N MET E 56 5.54 41.31 -16.66
CA MET E 56 5.99 42.52 -17.35
C MET E 56 5.76 43.74 -16.48
N ARG E 57 6.68 44.69 -16.54
CA ARG E 57 6.64 45.91 -15.74
C ARG E 57 5.39 46.74 -16.00
N ASP E 58 4.66 46.49 -17.08
CA ASP E 58 3.45 47.22 -17.41
C ASP E 58 2.26 46.30 -17.24
N LYS E 59 1.09 46.89 -16.97
CA LYS E 59 -0.15 46.15 -16.81
C LYS E 59 -1.21 46.54 -17.82
N ALA E 60 -1.11 47.73 -18.42
CA ALA E 60 -2.08 48.14 -19.42
C ALA E 60 -1.92 47.33 -20.70
N LYS E 61 -0.68 47.26 -21.20
CA LYS E 61 -0.43 46.45 -22.39
C LYS E 61 -0.56 44.98 -22.07
N GLU E 62 0.22 44.48 -21.10
CA GLU E 62 0.32 43.04 -20.90
C GLU E 62 -1.05 42.38 -20.79
N GLU E 63 -2.05 43.11 -20.29
CA GLU E 63 -3.36 42.49 -20.21
C GLU E 63 -4.01 42.50 -21.59
N GLU E 64 -3.60 43.45 -22.45
CA GLU E 64 -4.10 43.49 -23.82
C GLU E 64 -3.37 42.50 -24.73
N LEU E 65 -2.08 42.24 -24.49
CA LEU E 65 -1.42 41.14 -25.20
C LEU E 65 -1.98 39.80 -24.78
N ARG E 66 -2.42 39.67 -23.53
CA ARG E 66 -3.14 38.47 -23.16
C ARG E 66 -4.49 38.41 -23.85
N LYS E 67 -5.07 39.57 -24.20
CA LYS E 67 -6.25 39.63 -25.05
C LYS E 67 -5.94 39.38 -26.52
N SER E 68 -4.66 39.42 -26.90
CA SER E 68 -4.26 39.14 -28.28
C SER E 68 -4.80 37.80 -28.75
N GLY E 69 -4.75 36.81 -27.87
CA GLY E 69 -5.24 35.50 -28.17
C GLY E 69 -4.17 34.58 -28.65
N GLU E 70 -2.97 35.12 -28.90
CA GLU E 70 -1.89 34.42 -29.57
C GLU E 70 -1.12 33.58 -28.56
N ALA E 71 -0.58 32.46 -29.04
CA ALA E 71 -0.15 31.40 -28.14
C ALA E 71 1.07 31.80 -27.32
N LYS E 72 1.95 32.63 -27.87
CA LYS E 72 3.17 32.97 -27.15
C LYS E 72 2.87 33.65 -25.83
N TYR E 73 1.65 34.16 -25.63
CA TYR E 73 1.31 34.82 -24.39
C TYR E 73 0.23 34.07 -23.61
N PHE E 74 0.01 32.80 -23.95
CA PHE E 74 -0.92 31.99 -23.17
C PHE E 74 -0.54 31.97 -21.70
N HIS E 75 0.74 32.15 -21.40
CA HIS E 75 1.22 32.08 -20.03
C HIS E 75 0.69 33.20 -19.15
N LEU E 76 0.12 34.27 -19.71
CA LEU E 76 -0.25 35.42 -18.90
C LEU E 76 -1.56 35.24 -18.16
N ASN E 77 -2.25 34.14 -18.35
CA ASN E 77 -3.35 33.80 -17.44
C ASN E 77 -2.91 32.88 -16.32
N ASP E 78 -1.74 32.29 -16.48
CA ASP E 78 -1.23 31.39 -15.48
C ASP E 78 -0.64 32.24 -14.34
N ASP E 79 -0.56 31.65 -13.16
CA ASP E 79 -0.01 32.40 -12.04
C ASP E 79 1.47 32.69 -12.27
N LEU E 80 1.97 33.69 -11.55
CA LEU E 80 3.32 34.16 -11.78
C LEU E 80 4.33 33.10 -11.34
N HIS E 81 5.30 32.81 -12.21
CA HIS E 81 6.16 31.64 -12.07
C HIS E 81 7.40 31.78 -12.97
N VAL E 82 8.39 30.93 -12.69
CA VAL E 82 9.56 30.75 -13.53
C VAL E 82 9.48 29.41 -14.27
N LEU E 83 9.72 29.46 -15.58
CA LEU E 83 9.80 28.26 -16.41
C LEU E 83 11.28 27.94 -16.63
N ILE E 84 11.72 26.87 -16.03
CA ILE E 84 13.08 26.39 -16.19
C ILE E 84 13.08 25.39 -17.34
N GLU E 85 14.02 25.54 -18.26
CA GLU E 85 14.05 24.65 -19.40
C GLU E 85 15.48 24.20 -19.65
N VAL E 86 15.61 22.97 -20.13
CA VAL E 86 16.90 22.36 -20.39
C VAL E 86 16.77 21.35 -21.52
N PHE E 87 17.81 21.26 -22.35
CA PHE E 87 17.93 20.27 -23.43
C PHE E 87 19.25 19.53 -23.27
N ALA E 88 19.17 18.23 -22.98
CA ALA E 88 20.31 17.38 -22.66
C ALA E 88 19.87 15.92 -22.67
N PRO E 89 20.79 14.96 -22.55
CA PRO E 89 20.37 13.57 -22.37
C PRO E 89 19.57 13.42 -21.07
N PRO E 90 18.66 12.44 -21.03
CA PRO E 90 17.73 12.35 -19.89
C PRO E 90 18.39 12.46 -18.53
N ALA E 91 19.45 11.67 -18.31
CA ALA E 91 20.14 11.68 -17.03
C ALA E 91 20.65 13.08 -16.70
N GLU E 92 21.29 13.72 -17.66
CA GLU E 92 21.76 15.07 -17.43
C GLU E 92 20.60 16.04 -17.28
N ALA E 93 19.57 15.87 -18.11
CA ALA E 93 18.41 16.77 -18.10
C ALA E 93 17.80 16.88 -16.71
N TYR E 94 17.52 15.73 -16.12
CA TYR E 94 16.89 15.76 -14.80
C TYR E 94 17.86 16.28 -13.74
N ALA E 95 19.14 15.94 -13.88
CA ALA E 95 20.10 16.32 -12.84
C ALA E 95 20.29 17.82 -12.74
N ARG E 96 20.30 18.51 -13.88
CA ARG E 96 20.39 19.97 -13.83
C ARG E 96 19.10 20.59 -13.33
N MET E 97 17.96 19.98 -13.64
CA MET E 97 16.71 20.56 -13.20
C MET E 97 16.64 20.57 -11.68
N GLY E 98 16.91 19.41 -11.06
CA GLY E 98 16.99 19.35 -9.62
C GLY E 98 18.00 20.33 -9.08
N HIS E 99 19.16 20.37 -9.71
CA HIS E 99 20.16 21.37 -9.36
C HIS E 99 19.59 22.77 -9.49
N ALA E 100 18.97 23.07 -10.64
CA ALA E 100 18.42 24.38 -10.88
C ALA E 100 17.29 24.70 -9.90
N LEU E 101 16.40 23.74 -9.66
CA LEU E 101 15.34 24.04 -8.71
C LEU E 101 15.88 24.13 -7.30
N GLU E 102 17.06 23.55 -7.05
CA GLU E 102 17.71 23.75 -5.76
C GLU E 102 18.23 25.17 -5.67
N GLU E 103 18.90 25.64 -6.71
CA GLU E 103 19.58 26.91 -6.58
C GLU E 103 18.64 28.09 -6.77
N ILE E 104 17.41 27.85 -7.21
CA ILE E 104 16.48 28.96 -7.35
C ILE E 104 15.74 29.23 -6.05
N LYS E 105 15.78 28.29 -5.09
CA LYS E 105 15.05 28.50 -3.86
C LYS E 105 15.47 29.77 -3.15
N LYS E 106 16.74 30.13 -3.30
CA LYS E 106 17.29 31.31 -2.64
C LYS E 106 16.55 32.58 -3.07
N PHE E 107 16.45 32.80 -4.37
CA PHE E 107 15.79 34.00 -4.84
C PHE E 107 14.30 34.03 -4.54
N LEU E 108 13.75 33.01 -3.91
CA LEU E 108 12.33 33.01 -3.57
C LEU E 108 12.11 33.29 -2.08
N ILE E 109 13.08 33.92 -1.45
CA ILE E 109 12.98 34.48 -0.11
C ILE E 109 13.87 35.71 -0.12
N PRO E 110 13.50 36.80 0.57
CA PRO E 110 14.24 38.07 0.63
C PRO E 110 15.60 37.92 1.28
N GLY F 1 -0.03 -27.19 21.50
CA GLY F 1 -0.17 -27.06 20.06
C GLY F 1 -0.76 -28.31 19.41
N ALA F 2 -0.68 -28.37 18.09
CA ALA F 2 -1.27 -29.45 17.30
C ALA F 2 -0.37 -30.71 17.21
N ILE F 3 0.74 -30.74 17.98
CA ILE F 3 1.90 -31.65 17.99
C ILE F 3 2.95 -31.12 17.02
N ASN F 4 2.51 -30.49 15.94
CA ASN F 4 3.42 -29.84 15.01
C ASN F 4 3.15 -28.34 14.90
N LYS F 5 2.00 -27.84 15.35
CA LYS F 5 1.75 -26.41 15.24
C LYS F 5 2.67 -25.64 16.17
N ASN F 6 3.36 -24.66 15.59
CA ASN F 6 4.40 -23.94 16.30
C ASN F 6 3.84 -23.29 17.54
N MET F 7 4.67 -23.23 18.58
CA MET F 7 4.28 -22.69 19.86
C MET F 7 5.30 -21.66 20.29
N LYS F 8 4.89 -20.77 21.19
CA LYS F 8 5.80 -19.85 21.83
C LYS F 8 5.99 -20.33 23.28
N LEU F 9 7.24 -20.40 23.72
CA LEU F 9 7.57 -20.71 25.10
C LEU F 9 8.36 -19.57 25.72
N GLY F 10 8.28 -19.46 27.05
CA GLY F 10 9.04 -18.46 27.77
C GLY F 10 9.24 -18.92 29.19
N GLN F 11 10.43 -18.69 29.76
CA GLN F 11 10.75 -19.06 31.14
C GLN F 11 11.56 -18.01 31.85
N LYS F 12 10.95 -17.44 32.87
CA LYS F 12 11.66 -16.53 33.73
C LYS F 12 12.66 -17.33 34.57
N VAL F 13 13.96 -17.16 34.30
CA VAL F 13 15.01 -17.85 35.04
C VAL F 13 15.65 -16.85 35.99
N LEU F 14 15.53 -17.13 37.29
CA LEU F 14 16.04 -16.21 38.28
C LEU F 14 17.56 -16.21 38.22
N ILE F 15 18.13 -15.01 38.30
CA ILE F 15 19.57 -14.79 38.30
C ILE F 15 19.98 -14.42 39.72
N PRO F 16 20.86 -15.04 40.26
CA PRO F 16 21.15 -14.95 41.70
C PRO F 16 21.90 -13.69 42.18
N VAL F 17 21.15 -12.62 42.43
CA VAL F 17 21.81 -11.38 42.85
C VAL F 17 22.22 -11.32 44.35
N LYS F 18 21.48 -11.91 45.28
CA LYS F 18 21.85 -11.64 46.68
C LYS F 18 22.87 -12.65 47.22
N GLN F 19 23.02 -13.82 46.59
CA GLN F 19 24.16 -14.70 46.88
C GLN F 19 25.46 -13.93 46.68
N PHE F 20 25.69 -13.46 45.46
CA PHE F 20 26.73 -12.52 45.04
C PHE F 20 26.21 -11.09 45.17
N PRO F 21 26.40 -10.46 46.33
CA PRO F 21 25.68 -9.21 46.62
C PRO F 21 25.84 -8.13 45.56
N LYS F 22 27.08 -7.86 45.19
CA LYS F 22 27.44 -6.76 44.31
C LYS F 22 28.02 -7.25 43.00
N PHE F 23 28.20 -8.57 42.87
CA PHE F 23 28.86 -9.14 41.72
C PHE F 23 28.04 -8.89 40.46
N ASN F 24 28.69 -8.30 39.47
CA ASN F 24 28.10 -7.89 38.19
C ASN F 24 27.95 -9.13 37.32
N PHE F 25 26.73 -9.62 37.15
CA PHE F 25 26.56 -10.78 36.28
C PHE F 25 26.53 -10.41 34.80
N VAL F 26 25.82 -9.33 34.46
CA VAL F 26 25.44 -9.07 33.07
C VAL F 26 26.64 -8.94 32.16
N GLY F 27 27.67 -8.21 32.59
CA GLY F 27 28.85 -8.09 31.76
C GLY F 27 29.50 -9.42 31.47
N LYS F 28 29.43 -10.36 32.41
CA LYS F 28 30.01 -11.69 32.18
C LYS F 28 29.11 -12.56 31.31
N LEU F 29 27.78 -12.41 31.43
CA LEU F 29 26.90 -13.14 30.52
C LEU F 29 27.03 -12.65 29.07
N LEU F 30 27.07 -11.33 28.85
CA LEU F 30 27.01 -10.83 27.45
C LEU F 30 28.41 -10.76 26.83
N GLY F 31 29.46 -10.94 27.61
CA GLY F 31 30.81 -11.00 27.08
C GLY F 31 31.35 -9.72 26.49
N PRO F 32 32.18 -9.86 25.43
CA PRO F 32 33.00 -8.72 25.01
C PRO F 32 32.16 -7.57 24.51
N ARG F 33 31.90 -7.56 23.20
CA ARG F 33 31.01 -6.55 22.61
C ARG F 33 29.56 -6.99 22.68
N GLY F 34 29.15 -7.64 23.76
CA GLY F 34 27.83 -8.21 23.73
C GLY F 34 27.74 -9.52 22.97
N ASN F 35 28.84 -10.28 22.90
CA ASN F 35 28.80 -11.46 22.04
C ASN F 35 28.78 -12.79 22.77
N SER F 36 28.74 -12.84 24.10
CA SER F 36 28.56 -14.14 24.71
C SER F 36 27.09 -14.57 24.79
N LEU F 37 26.11 -13.65 24.74
CA LEU F 37 24.73 -14.10 24.46
C LEU F 37 24.38 -14.03 22.99
N LYS F 38 25.10 -13.19 22.22
CA LYS F 38 25.27 -13.62 20.84
C LYS F 38 25.82 -15.05 20.84
N ARG F 39 26.61 -15.40 21.86
CA ARG F 39 27.19 -16.74 21.94
C ARG F 39 26.30 -17.75 22.68
N LEU F 40 25.03 -17.43 22.94
CA LEU F 40 24.10 -18.39 23.53
C LEU F 40 22.88 -18.66 22.68
N GLN F 41 22.75 -17.99 21.52
CA GLN F 41 21.68 -18.33 20.61
C GLN F 41 21.98 -19.54 19.75
N GLU F 42 23.21 -19.67 19.22
CA GLU F 42 23.55 -20.74 18.30
C GLU F 42 23.00 -22.09 18.69
N GLU F 43 23.48 -22.58 19.83
CA GLU F 43 23.42 -24.00 20.11
C GLU F 43 22.07 -24.43 20.65
N THR F 44 21.40 -23.55 21.39
CA THR F 44 20.16 -23.92 22.05
C THR F 44 18.94 -23.45 21.30
N LEU F 45 19.12 -22.64 20.25
CA LEU F 45 18.03 -22.21 19.36
C LEU F 45 16.94 -21.48 20.14
N THR F 46 17.37 -20.69 21.13
CA THR F 46 16.52 -19.85 21.94
C THR F 46 16.76 -18.41 21.54
N LYS F 47 16.00 -17.52 22.19
CA LYS F 47 16.24 -16.08 22.22
C LYS F 47 15.97 -15.54 23.62
N MET F 48 16.66 -14.47 23.97
CA MET F 48 16.60 -13.99 25.36
C MET F 48 16.02 -12.60 25.50
N SER F 49 16.15 -12.07 26.72
CA SER F 49 16.12 -10.66 27.05
C SER F 49 16.43 -10.53 28.53
N ILE F 50 17.19 -9.52 28.91
CA ILE F 50 17.53 -9.32 30.32
C ILE F 50 16.64 -8.22 30.88
N LEU F 51 15.83 -8.59 31.88
CA LEU F 51 14.83 -7.74 32.52
C LEU F 51 15.03 -7.73 34.04
N GLY F 52 14.15 -7.02 34.73
CA GLY F 52 14.07 -7.05 36.17
C GLY F 52 14.75 -5.87 36.84
N LYS F 53 14.70 -5.92 38.17
CA LYS F 53 15.18 -4.84 39.02
C LYS F 53 16.69 -4.68 38.91
N GLY F 54 17.15 -3.59 38.28
CA GLY F 54 18.58 -3.40 38.08
C GLY F 54 19.12 -3.79 36.73
N SER F 55 18.27 -4.14 35.78
CA SER F 55 18.75 -4.65 34.50
C SER F 55 19.33 -3.56 33.56
N MET F 56 19.20 -2.25 33.86
CA MET F 56 19.70 -1.19 32.97
C MET F 56 20.98 -0.50 33.45
N ARG F 57 21.54 -0.90 34.60
CA ARG F 57 22.78 -0.34 35.16
C ARG F 57 22.71 1.18 35.40
N ASP F 58 21.56 1.77 35.20
CA ASP F 58 21.36 3.17 35.56
C ASP F 58 19.98 3.20 36.23
N LYS F 59 19.96 2.83 37.53
CA LYS F 59 18.69 2.83 38.27
C LYS F 59 18.02 4.19 38.22
N ALA F 60 18.80 5.27 38.14
CA ALA F 60 18.22 6.56 37.80
C ALA F 60 17.37 6.45 36.55
N LYS F 61 18.00 6.11 35.41
CA LYS F 61 17.27 5.94 34.16
C LYS F 61 16.36 4.71 34.18
N GLU F 62 16.79 3.62 34.82
CA GLU F 62 16.01 2.41 34.75
C GLU F 62 14.66 2.58 35.46
N GLU F 63 14.58 3.49 36.42
CA GLU F 63 13.33 3.61 37.14
C GLU F 63 12.25 4.34 36.37
N GLU F 64 12.54 5.52 35.81
CA GLU F 64 11.44 6.32 35.24
C GLU F 64 10.70 5.58 34.14
N LEU F 65 11.28 4.50 33.61
CA LEU F 65 10.52 3.58 32.76
C LEU F 65 9.69 2.58 33.59
N ARG F 66 10.16 2.18 34.78
CA ARG F 66 9.30 1.39 35.66
C ARG F 66 8.12 2.20 36.16
N LYS F 67 8.39 3.38 36.72
CA LYS F 67 7.32 4.22 37.21
C LYS F 67 6.37 4.66 36.08
N SER F 68 6.90 4.81 34.86
CA SER F 68 6.08 5.22 33.72
C SER F 68 4.81 4.39 33.63
N GLY F 69 4.93 3.08 33.86
CA GLY F 69 3.79 2.19 33.85
C GLY F 69 3.61 1.38 32.60
N GLU F 70 4.30 1.72 31.51
CA GLU F 70 4.09 1.06 30.23
C GLU F 70 4.38 -0.43 30.32
N ALA F 71 3.50 -1.22 29.72
CA ALA F 71 3.63 -2.68 29.83
C ALA F 71 5.00 -3.14 29.35
N LYS F 72 5.56 -2.41 28.38
CA LYS F 72 6.86 -2.73 27.84
C LYS F 72 7.91 -2.72 28.93
N TYR F 73 7.65 -2.06 30.06
CA TYR F 73 8.61 -2.01 31.17
C TYR F 73 8.06 -2.63 32.44
N PHE F 74 7.01 -3.46 32.36
CA PHE F 74 6.49 -4.16 33.55
C PHE F 74 7.55 -4.98 34.26
N HIS F 75 8.52 -5.50 33.53
CA HIS F 75 9.43 -6.48 34.09
C HIS F 75 10.33 -5.94 35.19
N LEU F 76 10.43 -4.62 35.33
CA LEU F 76 11.36 -4.02 36.27
C LEU F 76 10.84 -3.99 37.70
N ASN F 77 9.64 -4.52 37.94
CA ASN F 77 9.18 -4.79 39.31
C ASN F 77 9.47 -6.21 39.77
N ASP F 78 9.73 -7.12 38.85
CA ASP F 78 10.04 -8.49 39.23
C ASP F 78 11.49 -8.56 39.67
N ASP F 79 11.85 -9.63 40.38
CA ASP F 79 13.25 -9.79 40.75
C ASP F 79 14.06 -9.88 39.46
N LEU F 80 15.34 -9.51 39.53
CA LEU F 80 16.13 -9.35 38.31
C LEU F 80 16.30 -10.71 37.64
N HIS F 81 16.29 -10.71 36.31
CA HIS F 81 15.53 -11.68 35.56
C HIS F 81 16.04 -11.77 34.13
N VAL F 82 16.34 -12.98 33.67
CA VAL F 82 16.57 -13.23 32.25
C VAL F 82 15.46 -14.15 31.73
N LEU F 83 14.83 -13.75 30.64
CA LEU F 83 13.74 -14.48 30.02
C LEU F 83 14.21 -15.25 28.79
N ILE F 84 14.15 -16.57 28.85
CA ILE F 84 14.44 -17.41 27.69
C ILE F 84 13.14 -17.63 26.94
N GLU F 85 13.16 -17.41 25.62
CA GLU F 85 11.99 -17.55 24.76
C GLU F 85 12.33 -18.37 23.52
N VAL F 86 11.33 -19.06 23.02
CA VAL F 86 11.42 -20.03 21.94
C VAL F 86 10.11 -20.03 21.15
N PHE F 87 10.26 -20.19 19.84
CA PHE F 87 9.14 -20.35 18.92
C PHE F 87 9.44 -21.54 18.01
N ALA F 88 8.71 -22.63 18.18
CA ALA F 88 8.95 -23.85 17.43
C ALA F 88 7.77 -24.78 17.67
N PRO F 89 7.65 -25.90 16.95
CA PRO F 89 6.62 -26.86 17.29
C PRO F 89 6.88 -27.45 18.67
N PRO F 90 5.82 -27.92 19.34
CA PRO F 90 5.98 -28.34 20.74
C PRO F 90 7.16 -29.26 20.99
N ALA F 91 7.30 -30.31 20.18
CA ALA F 91 8.39 -31.25 20.41
C ALA F 91 9.74 -30.53 20.37
N GLU F 92 9.95 -29.66 19.37
CA GLU F 92 11.19 -28.91 19.28
C GLU F 92 11.29 -27.84 20.37
N ALA F 93 10.19 -27.17 20.68
CA ALA F 93 10.22 -26.09 21.66
C ALA F 93 10.79 -26.57 23.00
N TYR F 94 10.30 -27.69 23.52
CA TYR F 94 10.76 -28.15 24.83
C TYR F 94 12.20 -28.56 24.85
N ALA F 95 12.65 -29.24 23.79
CA ALA F 95 14.00 -29.74 23.76
C ALA F 95 15.03 -28.63 23.75
N ARG F 96 14.63 -27.44 23.36
CA ARG F 96 15.59 -26.36 23.23
C ARG F 96 15.85 -25.71 24.57
N MET F 97 14.79 -25.45 25.31
CA MET F 97 15.01 -24.57 26.44
C MET F 97 15.78 -25.32 27.51
N GLY F 98 15.40 -26.57 27.82
CA GLY F 98 16.20 -27.37 28.72
C GLY F 98 17.65 -27.42 28.29
N HIS F 99 17.88 -27.49 27.00
CA HIS F 99 19.22 -27.31 26.46
C HIS F 99 19.78 -25.94 26.91
N ALA F 100 18.98 -24.86 26.74
CA ALA F 100 19.45 -23.52 27.11
C ALA F 100 19.66 -23.37 28.62
N LEU F 101 18.70 -23.87 29.41
CA LEU F 101 18.86 -23.69 30.84
C LEU F 101 19.95 -24.60 31.37
N GLU F 102 20.37 -25.59 30.60
CA GLU F 102 21.59 -26.31 30.94
C GLU F 102 22.80 -25.42 30.72
N GLU F 103 22.90 -24.81 29.54
CA GLU F 103 24.01 -23.93 29.18
C GLU F 103 23.99 -22.57 29.85
N ILE F 104 22.92 -22.22 30.56
CA ILE F 104 22.89 -20.92 31.21
C ILE F 104 23.49 -20.98 32.61
N LYS F 105 23.57 -22.17 33.22
CA LYS F 105 24.05 -22.30 34.59
C LYS F 105 25.48 -21.83 34.71
N LYS F 106 26.25 -21.99 33.64
CA LYS F 106 27.65 -21.57 33.64
C LYS F 106 27.78 -20.12 34.05
N PHE F 107 26.80 -19.29 33.71
CA PHE F 107 26.86 -17.86 33.95
C PHE F 107 26.24 -17.43 35.28
N LEU F 108 25.67 -18.34 36.07
CA LEU F 108 25.17 -17.98 37.40
C LEU F 108 26.09 -18.43 38.51
N ILE F 109 27.38 -18.57 38.20
CA ILE F 109 28.42 -18.84 39.21
C ILE F 109 29.63 -17.95 38.90
N PRO F 110 30.39 -17.57 39.95
CA PRO F 110 31.37 -16.50 39.76
C PRO F 110 32.52 -16.79 38.81
N ASP F 111 33.37 -15.78 38.64
CA ASP F 111 34.69 -15.90 38.02
C ASP F 111 35.73 -15.50 39.07
N TYR F 112 36.55 -16.47 39.50
CA TYR F 112 37.52 -16.31 40.59
C TYR F 112 38.25 -14.96 40.60
#